data_9ET6
#
_entry.id   9ET6
#
_cell.length_a   74.252
_cell.length_b   133.568
_cell.length_c   147.658
_cell.angle_alpha   90
_cell.angle_beta   90
_cell.angle_gamma   90
#
_symmetry.space_group_name_H-M   'P 21 21 21'
#
loop_
_entity.id
_entity.type
_entity.pdbx_description
1 polymer Cyclin-A2
2 polymer 'Cyclin-dependent kinase 2'
3 non-polymer 4-iodanyl-3~{H}-pyridin-2-one
4 water water
#
loop_
_entity_poly.entity_id
_entity_poly.type
_entity_poly.pdbx_seq_one_letter_code
_entity_poly.pdbx_strand_id
1 'polypeptide(L)'
;GVNEVPDYHEDIHTYLREMEVKCKPKVGYMKKQPDITNSMRAILVDWLVEVGEEYKLQNETLHLAVNYIDRFLSSMSVLR
GKLQLVGTAAMLLASKFEEIYPPEVAEFVYITDDTYTKKQVLRMEHLVLKVLAFDLAAPTINQFLTQYFLHQQPANCKVE
SLAMFLGELSLIDADPYLKYLPSVIAAAAFHLALYTVTGQSWPESLVQKTGYTLETLKPCLLDLHQTYLRAPQHAQQSIR
EKYKNSKYHGVSLLNPPETLNVHHHHHH
;
D,B
2 'polypeptide(L)'
;GPGSMENFQKVEKIGEGTYGVVYKARNKLTGEVVALKKIRLDTETEGVPSTAIREISLLKELNHPNIVKLLDVIHTENKL
YLVFEFLHQDLKKFMDASALTGIPLPLIKSYLFQLLQGLAFCHSHRVLHRDLKPQNLLINTEGAIKLADFGLARAFGVPV
RTY(TPO)HEVVTLWYRAPEILLGCKYYSTAVDIWSLGCIFAEMVTRRALFPGDSEIDQLFRIFRTLGTPDEVVWPGVTS
MPDYKPSFPKWARQDFSKVVPPLDEDGRSLLSQMLHYDPNKRISAKAALAHPFFQDVTKPVPHLRL
;
A,C
#
loop_
_chem_comp.id
_chem_comp.type
_chem_comp.name
_chem_comp.formula
HHQ non-polymer 4-iodanyl-3~{H}-pyridin-2-one 'C5 H4 I N O'
#
# COMPACT_ATOMS: atom_id res chain seq x y z
N GLY A 1 -22.42 -12.70 28.69
CA GLY A 1 -21.10 -12.75 29.35
C GLY A 1 -19.97 -12.75 28.34
N VAL A 2 -18.99 -13.63 28.53
CA VAL A 2 -17.65 -13.44 27.99
C VAL A 2 -17.68 -13.68 26.49
N ASN A 3 -18.74 -14.34 26.01
CA ASN A 3 -18.91 -14.64 24.60
C ASN A 3 -19.32 -13.42 23.78
N GLU A 4 -19.78 -12.35 24.46
CA GLU A 4 -20.08 -11.10 23.81
C GLU A 4 -18.96 -10.10 24.05
N VAL A 5 -17.84 -10.58 24.61
CA VAL A 5 -16.61 -9.84 24.86
C VAL A 5 -16.90 -8.38 25.24
N PRO A 6 -17.59 -8.14 26.37
CA PRO A 6 -17.94 -6.79 26.80
C PRO A 6 -16.76 -5.82 26.92
N ASP A 7 -15.69 -6.27 27.58
CA ASP A 7 -14.51 -5.46 27.77
C ASP A 7 -13.87 -5.09 26.43
N TYR A 8 -14.37 -5.60 25.28
CA TYR A 8 -13.75 -5.37 23.98
C TYR A 8 -14.71 -5.04 22.83
N HIS A 9 -16.04 -5.17 23.00
CA HIS A 9 -17.00 -4.96 21.90
C HIS A 9 -16.77 -3.64 21.17
N GLU A 10 -16.53 -2.57 21.94
CA GLU A 10 -16.34 -1.23 21.40
C GLU A 10 -15.10 -1.21 20.51
N ASP A 11 -13.96 -1.59 21.08
CA ASP A 11 -12.67 -1.55 20.40
C ASP A 11 -12.72 -2.35 19.10
N ILE A 12 -13.45 -3.47 19.11
CA ILE A 12 -13.51 -4.35 17.95
C ILE A 12 -14.31 -3.67 16.85
N HIS A 13 -15.47 -3.11 17.24
CA HIS A 13 -16.35 -2.36 16.34
C HIS A 13 -15.56 -1.24 15.66
N THR A 14 -14.90 -0.40 16.46
CA THR A 14 -14.12 0.69 15.91
C THR A 14 -13.19 0.16 14.82
N TYR A 15 -12.53 -0.96 15.15
CA TYR A 15 -11.46 -1.52 14.34
C TYR A 15 -12.06 -2.08 13.07
N LEU A 16 -13.16 -2.81 13.19
CA LEU A 16 -13.81 -3.42 12.01
C LEU A 16 -14.18 -2.31 11.04
N ARG A 17 -14.79 -1.26 11.55
CA ARG A 17 -15.16 -0.11 10.69
C ARG A 17 -13.91 0.39 9.97
N GLU A 18 -12.85 0.69 10.72
CA GLU A 18 -11.61 1.21 10.10
C GLU A 18 -11.14 0.21 9.05
N MET A 19 -11.32 -1.08 9.31
CA MET A 19 -10.79 -2.08 8.38
C MET A 19 -11.66 -2.27 7.14
N GLU A 20 -12.98 -2.11 7.27
CA GLU A 20 -13.89 -2.32 6.15
C GLU A 20 -13.66 -1.24 5.08
N VAL A 21 -13.06 -0.12 5.48
CA VAL A 21 -12.63 0.92 4.56
C VAL A 21 -11.47 0.42 3.71
N LYS A 22 -10.42 -0.12 4.32
CA LYS A 22 -9.23 -0.52 3.57
C LYS A 22 -9.53 -1.73 2.67
N CYS A 23 -10.40 -2.64 3.11
CA CYS A 23 -10.70 -3.84 2.35
C CYS A 23 -11.84 -3.61 1.37
N LYS A 24 -12.23 -2.35 1.15
CA LYS A 24 -13.33 -2.06 0.27
C LYS A 24 -12.85 -2.19 -1.17
N PRO A 25 -13.57 -2.94 -2.04
CA PRO A 25 -13.31 -2.98 -3.48
C PRO A 25 -13.44 -1.61 -4.14
N LYS A 26 -12.93 -1.47 -5.38
CA LYS A 26 -13.16 -0.31 -6.22
C LYS A 26 -14.61 -0.27 -6.69
N VAL A 27 -15.34 0.81 -6.37
CA VAL A 27 -16.76 0.98 -6.68
C VAL A 27 -17.02 0.81 -8.17
N GLY A 28 -16.14 1.33 -9.03
CA GLY A 28 -16.43 1.26 -10.46
C GLY A 28 -15.55 0.27 -11.23
N TYR A 29 -15.29 -0.92 -10.65
CA TYR A 29 -14.32 -1.83 -11.24
C TYR A 29 -14.92 -2.51 -12.48
N MET A 30 -16.24 -2.70 -12.47
CA MET A 30 -16.79 -3.51 -13.52
C MET A 30 -16.69 -2.79 -14.88
N LYS A 31 -16.66 -1.46 -14.85
CA LYS A 31 -16.51 -0.70 -16.09
C LYS A 31 -15.12 -0.91 -16.69
N LYS A 32 -14.09 -1.07 -15.85
CA LYS A 32 -12.72 -1.17 -16.32
C LYS A 32 -12.30 -2.63 -16.60
N GLN A 33 -13.25 -3.57 -16.45
CA GLN A 33 -13.14 -4.97 -16.90
C GLN A 33 -13.77 -5.15 -18.28
N PRO A 34 -12.94 -5.23 -19.34
CA PRO A 34 -13.45 -5.35 -20.71
C PRO A 34 -14.36 -6.57 -20.95
N ASP A 35 -14.07 -7.67 -20.27
CA ASP A 35 -14.67 -8.92 -20.70
C ASP A 35 -15.59 -9.52 -19.65
N ILE A 36 -15.83 -8.82 -18.54
CA ILE A 36 -16.77 -9.32 -17.54
C ILE A 36 -17.67 -8.17 -17.07
N THR A 37 -18.84 -8.54 -16.50
CA THR A 37 -20.00 -7.68 -16.28
C THR A 37 -20.71 -8.06 -14.98
N ASN A 38 -21.50 -7.11 -14.45
CA ASN A 38 -22.20 -7.30 -13.18
C ASN A 38 -23.06 -8.56 -13.26
N SER A 39 -23.53 -8.85 -14.48
CA SER A 39 -24.42 -9.97 -14.73
C SER A 39 -23.69 -11.29 -14.48
N MET A 40 -22.47 -11.37 -15.03
CA MET A 40 -21.65 -12.57 -14.91
C MET A 40 -21.27 -12.77 -13.47
N ARG A 41 -20.98 -11.65 -12.78
CA ARG A 41 -20.59 -11.65 -11.39
C ARG A 41 -21.74 -12.20 -10.56
N ALA A 42 -22.96 -11.78 -10.94
CA ALA A 42 -24.17 -12.22 -10.29
C ALA A 42 -24.26 -13.74 -10.36
N ILE A 43 -24.03 -14.30 -11.55
CA ILE A 43 -24.06 -15.75 -11.70
C ILE A 43 -23.05 -16.39 -10.75
N LEU A 44 -21.85 -15.82 -10.69
CA LEU A 44 -20.78 -16.37 -9.90
C LEU A 44 -21.20 -16.43 -8.43
N VAL A 45 -21.72 -15.31 -7.91
CA VAL A 45 -22.00 -15.26 -6.49
C VAL A 45 -23.13 -16.23 -6.14
N ASP A 46 -24.06 -16.37 -7.09
CA ASP A 46 -25.19 -17.26 -6.92
C ASP A 46 -24.70 -18.71 -6.89
N TRP A 47 -23.63 -18.98 -7.65
CA TRP A 47 -23.04 -20.31 -7.71
C TRP A 47 -22.32 -20.61 -6.39
N LEU A 48 -21.66 -19.61 -5.80
CA LEU A 48 -21.02 -19.75 -4.52
C LEU A 48 -22.05 -20.01 -3.41
N VAL A 49 -23.24 -19.40 -3.51
CA VAL A 49 -24.29 -19.62 -2.52
C VAL A 49 -24.68 -21.09 -2.53
N GLU A 50 -24.92 -21.65 -3.73
CA GLU A 50 -25.15 -23.08 -3.92
C GLU A 50 -24.03 -23.89 -3.26
N VAL A 51 -22.80 -23.56 -3.64
CA VAL A 51 -21.63 -24.30 -3.17
C VAL A 51 -21.58 -24.28 -1.64
N GLY A 52 -21.83 -23.09 -1.09
CA GLY A 52 -21.92 -22.89 0.35
C GLY A 52 -22.96 -23.81 0.99
N GLU A 53 -24.06 -24.04 0.26
CA GLU A 53 -25.20 -24.82 0.75
C GLU A 53 -24.90 -26.31 0.59
N GLU A 54 -24.29 -26.71 -0.54
CA GLU A 54 -23.93 -28.09 -0.81
C GLU A 54 -22.87 -28.58 0.18
N TYR A 55 -21.91 -27.73 0.56
CA TYR A 55 -20.83 -28.15 1.44
C TYR A 55 -21.10 -27.73 2.88
N LYS A 56 -22.34 -27.33 3.17
CA LYS A 56 -22.76 -26.82 4.46
C LYS A 56 -21.72 -25.87 5.07
N LEU A 57 -21.26 -24.90 4.29
CA LEU A 57 -20.28 -23.94 4.79
C LEU A 57 -21.00 -22.84 5.58
N GLN A 58 -20.22 -22.08 6.37
CA GLN A 58 -20.75 -20.93 7.10
C GLN A 58 -21.15 -19.82 6.15
N ASN A 59 -22.07 -18.96 6.59
CA ASN A 59 -22.46 -17.82 5.79
C ASN A 59 -21.30 -16.83 5.70
N GLU A 60 -20.54 -16.74 6.79
CA GLU A 60 -19.39 -15.84 6.88
C GLU A 60 -18.35 -16.16 5.81
N THR A 61 -18.17 -17.45 5.51
CA THR A 61 -17.23 -17.91 4.50
C THR A 61 -17.62 -17.34 3.13
N LEU A 62 -18.92 -17.41 2.82
CA LEU A 62 -19.47 -16.90 1.58
C LEU A 62 -19.18 -15.40 1.45
N HIS A 63 -19.39 -14.65 2.53
CA HIS A 63 -19.18 -13.20 2.53
C HIS A 63 -17.72 -12.85 2.22
N LEU A 64 -16.79 -13.45 2.98
CA LEU A 64 -15.36 -13.31 2.74
C LEU A 64 -15.03 -13.60 1.27
N ALA A 65 -15.48 -14.76 0.75
CA ALA A 65 -15.15 -15.14 -0.62
C ALA A 65 -15.50 -14.03 -1.60
N VAL A 66 -16.67 -13.41 -1.38
CA VAL A 66 -17.13 -12.37 -2.28
C VAL A 66 -16.24 -11.14 -2.09
N ASN A 67 -15.83 -10.89 -0.83
CA ASN A 67 -14.93 -9.79 -0.58
C ASN A 67 -13.62 -10.00 -1.35
N TYR A 68 -13.13 -11.27 -1.39
CA TYR A 68 -11.85 -11.59 -2.01
C TYR A 68 -11.96 -11.37 -3.52
N ILE A 69 -13.12 -11.74 -4.09
CA ILE A 69 -13.36 -11.70 -5.53
C ILE A 69 -13.41 -10.25 -5.99
N ASP A 70 -14.12 -9.40 -5.26
CA ASP A 70 -14.31 -8.02 -5.74
C ASP A 70 -12.97 -7.30 -5.71
N ARG A 71 -12.16 -7.53 -4.67
CA ARG A 71 -10.86 -6.83 -4.53
C ARG A 71 -9.89 -7.30 -5.62
N PHE A 72 -9.97 -8.57 -6.02
CA PHE A 72 -9.07 -9.12 -7.06
C PHE A 72 -9.47 -8.49 -8.38
N LEU A 73 -10.77 -8.50 -8.67
CA LEU A 73 -11.23 -7.87 -9.90
C LEU A 73 -11.00 -6.36 -9.88
N SER A 74 -10.72 -5.79 -8.70
CA SER A 74 -10.37 -4.39 -8.58
C SER A 74 -8.92 -4.13 -8.98
N SER A 75 -8.11 -5.20 -9.08
CA SER A 75 -6.69 -5.09 -9.42
C SER A 75 -6.34 -5.81 -10.73
N MET A 76 -7.12 -6.82 -11.14
CA MET A 76 -6.66 -7.72 -12.18
C MET A 76 -7.73 -7.88 -13.27
N SER A 77 -7.32 -7.68 -14.52
CA SER A 77 -8.21 -7.94 -15.62
C SER A 77 -8.39 -9.45 -15.70
N VAL A 78 -9.64 -9.91 -15.80
CA VAL A 78 -9.86 -11.34 -15.92
C VAL A 78 -10.76 -11.56 -17.12
N LEU A 79 -10.46 -12.62 -17.90
CA LEU A 79 -11.30 -13.05 -19.00
C LEU A 79 -12.46 -13.88 -18.45
N ARG A 80 -13.54 -13.92 -19.24
CA ARG A 80 -14.78 -14.56 -18.82
C ARG A 80 -14.55 -16.02 -18.47
N GLY A 81 -13.73 -16.72 -19.28
CA GLY A 81 -13.42 -18.13 -19.08
C GLY A 81 -12.74 -18.45 -17.74
N LYS A 82 -12.20 -17.43 -17.07
CA LYS A 82 -11.42 -17.61 -15.86
C LYS A 82 -12.10 -16.98 -14.64
N LEU A 83 -13.24 -16.29 -14.86
CA LEU A 83 -14.01 -15.71 -13.77
C LEU A 83 -14.33 -16.78 -12.73
N GLN A 84 -14.74 -17.98 -13.19
CA GLN A 84 -15.03 -19.04 -12.24
C GLN A 84 -13.76 -19.46 -11.49
N LEU A 85 -12.61 -19.46 -12.17
CA LEU A 85 -11.36 -19.87 -11.54
C LEU A 85 -11.06 -18.98 -10.35
N VAL A 86 -11.28 -17.67 -10.51
CA VAL A 86 -11.08 -16.73 -9.41
C VAL A 86 -12.00 -17.04 -8.22
N GLY A 87 -13.27 -17.33 -8.52
CA GLY A 87 -14.30 -17.54 -7.51
C GLY A 87 -14.07 -18.83 -6.74
N THR A 88 -13.71 -19.91 -7.45
CA THR A 88 -13.39 -21.20 -6.82
C THR A 88 -12.22 -20.98 -5.87
N ALA A 89 -11.20 -20.27 -6.34
CA ALA A 89 -9.98 -20.04 -5.58
C ALA A 89 -10.28 -19.21 -4.34
N ALA A 90 -11.20 -18.24 -4.45
CA ALA A 90 -11.57 -17.36 -3.35
C ALA A 90 -12.36 -18.12 -2.28
N MET A 91 -13.31 -18.92 -2.75
CA MET A 91 -14.09 -19.75 -1.86
C MET A 91 -13.12 -20.67 -1.12
N LEU A 92 -12.16 -21.24 -1.87
CA LEU A 92 -11.16 -22.09 -1.24
C LEU A 92 -10.44 -21.33 -0.11
N LEU A 93 -9.98 -20.11 -0.41
CA LEU A 93 -9.23 -19.35 0.56
C LEU A 93 -10.08 -19.03 1.78
N ALA A 94 -11.36 -18.67 1.54
CA ALA A 94 -12.24 -18.28 2.63
C ALA A 94 -12.51 -19.49 3.52
N SER A 95 -12.72 -20.65 2.91
CA SER A 95 -12.89 -21.89 3.65
C SER A 95 -11.70 -22.13 4.57
N LYS A 96 -10.50 -22.09 4.00
CA LYS A 96 -9.28 -22.26 4.77
C LYS A 96 -9.19 -21.25 5.92
N PHE A 97 -9.59 -19.99 5.67
CA PHE A 97 -9.50 -18.94 6.68
C PHE A 97 -10.46 -19.21 7.83
N GLU A 98 -11.71 -19.56 7.48
CA GLU A 98 -12.84 -19.41 8.36
C GLU A 98 -13.41 -20.74 8.88
N GLU A 99 -13.29 -21.83 8.11
CA GLU A 99 -13.94 -23.08 8.50
C GLU A 99 -13.05 -23.91 9.42
N ILE A 100 -13.70 -24.58 10.38
CA ILE A 100 -13.05 -25.62 11.15
C ILE A 100 -12.59 -26.75 10.21
N TYR A 101 -13.51 -27.20 9.34
CA TYR A 101 -13.29 -28.36 8.51
C TYR A 101 -13.53 -28.00 7.04
N PRO A 102 -12.64 -27.16 6.43
CA PRO A 102 -12.79 -26.79 5.03
C PRO A 102 -12.88 -27.98 4.08
N PRO A 103 -13.59 -27.88 2.94
CA PRO A 103 -13.49 -28.90 1.91
C PRO A 103 -12.05 -29.00 1.40
N GLU A 104 -11.67 -30.23 1.05
CA GLU A 104 -10.42 -30.45 0.36
C GLU A 104 -10.46 -29.76 -1.01
N VAL A 105 -9.29 -29.32 -1.47
CA VAL A 105 -9.14 -28.78 -2.82
C VAL A 105 -9.85 -29.67 -3.85
N ALA A 106 -9.76 -30.99 -3.72
CA ALA A 106 -10.33 -31.86 -4.74
C ALA A 106 -11.82 -31.55 -4.94
N GLU A 107 -12.50 -31.15 -3.87
CA GLU A 107 -13.93 -30.91 -3.95
C GLU A 107 -14.25 -29.56 -4.55
N PHE A 108 -13.25 -28.67 -4.58
CA PHE A 108 -13.39 -27.39 -5.22
C PHE A 108 -13.18 -27.56 -6.72
N VAL A 109 -12.41 -28.60 -7.09
CA VAL A 109 -12.22 -28.94 -8.50
C VAL A 109 -13.46 -29.67 -9.01
N TYR A 110 -14.15 -30.40 -8.11
CA TYR A 110 -15.26 -31.23 -8.52
C TYR A 110 -16.41 -30.31 -8.94
N ILE A 111 -16.61 -29.21 -8.21
CA ILE A 111 -17.75 -28.32 -8.42
C ILE A 111 -17.62 -27.45 -9.67
N THR A 112 -16.42 -27.33 -10.26
CA THR A 112 -16.29 -26.59 -11.51
C THR A 112 -16.49 -27.49 -12.72
N ASP A 113 -16.99 -28.72 -12.53
CA ASP A 113 -17.31 -29.65 -13.60
C ASP A 113 -16.07 -29.96 -14.46
N ASP A 114 -14.88 -29.92 -13.84
CA ASP A 114 -13.64 -30.18 -14.55
C ASP A 114 -13.44 -29.13 -15.66
N THR A 115 -14.05 -27.95 -15.50
CA THR A 115 -13.65 -26.79 -16.28
C THR A 115 -12.15 -26.51 -16.03
N TYR A 116 -11.70 -26.66 -14.79
CA TYR A 116 -10.32 -26.32 -14.44
C TYR A 116 -9.60 -27.51 -13.82
N THR A 117 -8.27 -27.55 -13.95
CA THR A 117 -7.41 -28.58 -13.36
C THR A 117 -7.09 -28.20 -11.92
N LYS A 118 -6.60 -29.18 -11.14
CA LYS A 118 -6.28 -28.87 -9.74
C LYS A 118 -5.14 -27.84 -9.70
N LYS A 119 -4.19 -27.99 -10.63
CA LYS A 119 -3.01 -27.16 -10.74
C LYS A 119 -3.48 -25.73 -10.94
N GLN A 120 -4.56 -25.55 -11.70
CA GLN A 120 -5.04 -24.19 -11.96
C GLN A 120 -5.68 -23.60 -10.71
N VAL A 121 -6.48 -24.40 -10.01
CA VAL A 121 -7.06 -23.92 -8.78
C VAL A 121 -5.96 -23.49 -7.81
N LEU A 122 -4.97 -24.36 -7.62
CA LEU A 122 -3.92 -24.13 -6.63
C LEU A 122 -3.06 -22.93 -7.00
N ARG A 123 -2.75 -22.77 -8.29
CA ARG A 123 -2.00 -21.62 -8.76
C ARG A 123 -2.82 -20.32 -8.60
N MET A 124 -4.13 -20.38 -8.87
CA MET A 124 -4.95 -19.20 -8.71
C MET A 124 -5.03 -18.83 -7.25
N GLU A 125 -5.06 -19.83 -6.35
CA GLU A 125 -5.02 -19.58 -4.92
C GLU A 125 -3.83 -18.68 -4.58
N HIS A 126 -2.64 -19.07 -5.04
CA HIS A 126 -1.44 -18.35 -4.66
C HIS A 126 -1.55 -16.92 -5.20
N LEU A 127 -1.98 -16.79 -6.46
CA LEU A 127 -2.09 -15.50 -7.11
C LEU A 127 -3.08 -14.63 -6.34
N VAL A 128 -4.20 -15.21 -5.93
CA VAL A 128 -5.14 -14.40 -5.17
C VAL A 128 -4.43 -13.88 -3.91
N LEU A 129 -3.67 -14.77 -3.27
CA LEU A 129 -3.01 -14.46 -2.02
C LEU A 129 -2.04 -13.29 -2.22
N LYS A 130 -1.30 -13.31 -3.34
CA LYS A 130 -0.34 -12.25 -3.67
C LYS A 130 -1.06 -10.93 -3.99
N VAL A 131 -2.20 -11.01 -4.67
CA VAL A 131 -2.90 -9.81 -5.07
C VAL A 131 -3.55 -9.13 -3.87
N LEU A 132 -4.08 -9.91 -2.93
CA LEU A 132 -4.65 -9.32 -1.72
C LEU A 132 -3.53 -9.09 -0.69
N ALA A 133 -2.30 -9.49 -1.02
CA ALA A 133 -1.18 -9.40 -0.08
C ALA A 133 -1.54 -10.04 1.26
N PHE A 134 -2.31 -11.14 1.24
CA PHE A 134 -2.72 -11.88 2.43
C PHE A 134 -3.59 -11.10 3.40
N ASP A 135 -4.15 -9.92 3.03
CA ASP A 135 -5.15 -9.25 3.87
C ASP A 135 -6.50 -9.95 3.73
N LEU A 136 -6.66 -11.10 4.42
CA LEU A 136 -7.87 -11.90 4.25
C LEU A 136 -8.89 -11.63 5.34
N ALA A 137 -8.48 -10.94 6.42
CA ALA A 137 -9.34 -10.78 7.58
C ALA A 137 -10.30 -9.62 7.36
N ALA A 138 -11.21 -9.77 6.40
CA ALA A 138 -12.06 -8.65 6.01
C ALA A 138 -13.31 -8.62 6.88
N PRO A 139 -13.75 -7.44 7.34
CA PRO A 139 -15.03 -7.34 8.03
C PRO A 139 -16.11 -7.56 6.96
N THR A 140 -17.19 -8.22 7.37
CA THR A 140 -18.28 -8.65 6.49
C THR A 140 -19.58 -8.07 7.01
N ILE A 141 -20.64 -8.19 6.19
CA ILE A 141 -21.96 -7.77 6.64
C ILE A 141 -22.34 -8.54 7.90
N ASN A 142 -22.04 -9.83 7.93
CA ASN A 142 -22.40 -10.67 9.07
C ASN A 142 -21.68 -10.22 10.32
N GLN A 143 -20.41 -9.82 10.21
CA GLN A 143 -19.66 -9.46 11.40
C GLN A 143 -20.32 -8.25 12.05
N PHE A 144 -20.99 -7.42 11.24
CA PHE A 144 -21.74 -6.29 11.79
C PHE A 144 -23.12 -6.75 12.27
N LEU A 145 -23.82 -7.58 11.47
CA LEU A 145 -25.12 -8.08 11.86
C LEU A 145 -25.09 -8.76 13.23
N THR A 146 -24.15 -9.70 13.42
CA THR A 146 -24.15 -10.46 14.65
C THR A 146 -24.09 -9.51 15.86
N GLN A 147 -23.40 -8.39 15.68
CA GLN A 147 -23.26 -7.40 16.76
C GLN A 147 -24.55 -6.59 16.89
N TYR A 148 -25.23 -6.36 15.76
CA TYR A 148 -26.47 -5.55 15.78
C TYR A 148 -27.54 -6.41 16.43
N PHE A 149 -27.56 -7.70 16.09
CA PHE A 149 -28.57 -8.63 16.64
C PHE A 149 -28.47 -8.65 18.15
N LEU A 150 -27.35 -8.15 18.67
CA LEU A 150 -27.15 -8.19 20.15
C LEU A 150 -28.00 -7.10 20.79
N HIS A 151 -27.98 -5.90 20.22
CA HIS A 151 -28.74 -4.76 20.78
C HIS A 151 -30.25 -5.04 20.62
N GLN A 152 -30.60 -6.12 19.92
CA GLN A 152 -32.01 -6.50 19.73
C GLN A 152 -32.55 -7.13 21.02
N GLN A 153 -32.78 -6.32 22.05
CA GLN A 153 -33.37 -6.84 23.32
C GLN A 153 -34.36 -7.97 23.01
N PRO A 154 -35.45 -7.79 22.22
CA PRO A 154 -36.33 -8.90 21.92
C PRO A 154 -35.69 -9.72 20.82
N ALA A 155 -34.93 -10.75 21.20
CA ALA A 155 -34.21 -11.56 20.20
C ALA A 155 -35.20 -12.30 19.30
N ASN A 156 -35.13 -12.05 18.00
CA ASN A 156 -36.09 -12.67 17.05
C ASN A 156 -35.37 -13.52 16.00
N CYS A 157 -35.61 -14.80 16.04
CA CYS A 157 -35.08 -15.73 15.06
C CYS A 157 -35.42 -15.23 13.66
N LYS A 158 -36.68 -14.79 13.50
CA LYS A 158 -37.21 -14.36 12.22
C LYS A 158 -36.46 -13.12 11.72
N VAL A 159 -36.26 -12.14 12.62
CA VAL A 159 -35.54 -10.91 12.33
C VAL A 159 -34.07 -11.22 12.01
N GLU A 160 -33.47 -12.14 12.79
CA GLU A 160 -32.07 -12.49 12.64
C GLU A 160 -31.89 -13.18 11.29
N SER A 161 -32.78 -14.13 10.98
CA SER A 161 -32.73 -14.86 9.71
C SER A 161 -32.99 -13.93 8.53
N LEU A 162 -33.94 -13.00 8.69
CA LEU A 162 -34.35 -12.17 7.57
C LEU A 162 -33.21 -11.23 7.18
N ALA A 163 -32.59 -10.61 8.18
CA ALA A 163 -31.48 -9.71 7.93
C ALA A 163 -30.33 -10.42 7.21
N MET A 164 -30.06 -11.68 7.59
CA MET A 164 -29.02 -12.47 6.95
C MET A 164 -29.31 -12.55 5.44
N PHE A 165 -30.59 -12.76 5.14
CA PHE A 165 -31.12 -12.99 3.80
C PHE A 165 -30.97 -11.75 2.94
N LEU A 166 -31.39 -10.60 3.45
CA LEU A 166 -31.28 -9.35 2.71
C LEU A 166 -29.79 -9.11 2.51
N GLY A 167 -29.04 -9.32 3.60
CA GLY A 167 -27.59 -9.35 3.60
C GLY A 167 -27.05 -10.05 2.35
N GLU A 168 -27.46 -11.30 2.14
CA GLU A 168 -26.88 -12.11 1.08
C GLU A 168 -27.34 -11.64 -0.30
N LEU A 169 -28.59 -11.17 -0.40
CA LEU A 169 -29.07 -10.69 -1.68
C LEU A 169 -28.15 -9.59 -2.19
N SER A 170 -27.63 -8.76 -1.28
CA SER A 170 -26.76 -7.65 -1.67
C SER A 170 -25.45 -8.15 -2.30
N LEU A 171 -24.95 -9.33 -1.88
CA LEU A 171 -23.75 -9.92 -2.48
C LEU A 171 -23.84 -10.01 -4.00
N ILE A 172 -25.04 -10.30 -4.53
CA ILE A 172 -25.24 -10.70 -5.91
C ILE A 172 -25.00 -9.54 -6.88
N ASP A 173 -25.34 -8.34 -6.41
CA ASP A 173 -25.55 -7.19 -7.28
C ASP A 173 -24.51 -6.12 -7.01
N ALA A 174 -23.42 -6.13 -7.78
CA ALA A 174 -22.35 -5.13 -7.69
C ALA A 174 -22.95 -3.72 -7.75
N ASP A 175 -23.93 -3.55 -8.65
CA ASP A 175 -24.71 -2.34 -8.73
C ASP A 175 -26.09 -2.55 -8.10
N PRO A 176 -26.45 -1.84 -7.01
CA PRO A 176 -25.63 -0.77 -6.42
C PRO A 176 -24.64 -1.05 -5.29
N TYR A 177 -24.66 -2.25 -4.72
CA TYR A 177 -24.17 -2.49 -3.37
C TYR A 177 -22.65 -2.41 -3.22
N LEU A 178 -21.92 -2.21 -4.33
CA LEU A 178 -20.49 -1.96 -4.20
C LEU A 178 -20.24 -0.60 -3.59
N LYS A 179 -21.18 0.34 -3.73
CA LYS A 179 -20.98 1.69 -3.23
C LYS A 179 -21.42 1.85 -1.77
N TYR A 180 -21.72 0.74 -1.08
CA TYR A 180 -21.99 0.77 0.35
C TYR A 180 -21.01 -0.14 1.10
N LEU A 181 -20.53 0.37 2.24
CA LEU A 181 -19.70 -0.34 3.20
C LEU A 181 -20.50 -1.43 3.90
N PRO A 182 -19.86 -2.55 4.31
CA PRO A 182 -20.58 -3.65 4.96
C PRO A 182 -21.41 -3.21 6.16
N SER A 183 -20.83 -2.35 7.01
CA SER A 183 -21.50 -1.87 8.20
C SER A 183 -22.85 -1.22 7.87
N VAL A 184 -22.90 -0.45 6.77
CA VAL A 184 -24.10 0.22 6.30
C VAL A 184 -25.13 -0.83 5.85
N ILE A 185 -24.73 -1.72 4.92
CA ILE A 185 -25.62 -2.71 4.37
C ILE A 185 -26.20 -3.58 5.48
N ALA A 186 -25.41 -3.84 6.52
CA ALA A 186 -25.84 -4.63 7.67
C ALA A 186 -26.97 -3.93 8.42
N ALA A 187 -26.86 -2.60 8.56
CA ALA A 187 -27.87 -1.80 9.25
C ALA A 187 -29.16 -1.77 8.45
N ALA A 188 -29.04 -1.50 7.15
CA ALA A 188 -30.19 -1.42 6.27
C ALA A 188 -30.90 -2.76 6.25
N ALA A 189 -30.13 -3.84 6.21
CA ALA A 189 -30.73 -5.15 6.27
C ALA A 189 -31.39 -5.33 7.64
N PHE A 190 -30.75 -4.83 8.71
CA PHE A 190 -31.21 -5.00 10.08
C PHE A 190 -32.44 -4.14 10.35
N HIS A 191 -32.43 -2.89 9.86
CA HIS A 191 -33.62 -2.06 9.96
C HIS A 191 -34.77 -2.72 9.20
N LEU A 192 -34.58 -2.87 7.88
CA LEU A 192 -35.58 -3.41 6.98
C LEU A 192 -36.21 -4.66 7.56
N ALA A 193 -35.39 -5.53 8.15
CA ALA A 193 -35.83 -6.83 8.64
C ALA A 193 -36.68 -6.69 9.89
N LEU A 194 -36.21 -5.88 10.84
CA LEU A 194 -36.95 -5.67 12.11
C LEU A 194 -38.34 -5.16 11.76
N TYR A 195 -38.41 -4.03 11.04
CA TYR A 195 -39.71 -3.45 10.62
C TYR A 195 -40.58 -4.53 10.08
N THR A 196 -40.15 -5.17 9.00
CA THR A 196 -41.00 -6.17 8.32
C THR A 196 -41.60 -7.14 9.32
N VAL A 197 -40.91 -7.45 10.41
CA VAL A 197 -41.42 -8.51 11.31
C VAL A 197 -42.14 -7.92 12.52
N THR A 198 -41.45 -7.11 13.32
CA THR A 198 -42.05 -6.59 14.56
C THR A 198 -42.81 -5.33 14.28
N GLY A 199 -42.28 -4.44 13.44
CA GLY A 199 -42.86 -3.14 13.18
C GLY A 199 -41.94 -2.00 13.63
N GLN A 200 -40.71 -2.34 14.04
CA GLN A 200 -39.86 -1.40 14.77
C GLN A 200 -38.74 -0.90 13.88
N SER A 201 -37.96 0.05 14.41
CA SER A 201 -36.91 0.72 13.64
C SER A 201 -35.53 0.43 14.23
N TRP A 202 -34.50 0.86 13.47
CA TRP A 202 -33.15 1.09 13.97
C TRP A 202 -33.25 1.64 15.39
N PRO A 203 -32.75 0.91 16.41
CA PRO A 203 -32.77 1.38 17.80
C PRO A 203 -31.68 2.40 18.13
N GLU A 204 -31.99 3.29 19.08
CA GLU A 204 -31.10 4.38 19.47
C GLU A 204 -29.77 3.84 19.95
N SER A 205 -29.81 2.73 20.68
CA SER A 205 -28.61 2.07 21.18
C SER A 205 -27.62 1.83 20.04
N LEU A 206 -28.14 1.40 18.89
CA LEU A 206 -27.34 1.18 17.68
C LEU A 206 -27.04 2.49 16.95
N VAL A 207 -27.80 3.57 17.22
CA VAL A 207 -27.45 4.86 16.68
C VAL A 207 -26.19 5.36 17.38
N GLN A 208 -26.18 5.24 18.72
CA GLN A 208 -25.04 5.66 19.53
C GLN A 208 -23.80 4.81 19.23
N LYS A 209 -24.01 3.52 18.92
CA LYS A 209 -22.90 2.64 18.61
C LYS A 209 -22.22 3.07 17.32
N THR A 210 -23.01 3.19 16.25
CA THR A 210 -22.53 3.28 14.87
C THR A 210 -22.38 4.72 14.39
N GLY A 211 -23.11 5.65 15.03
CA GLY A 211 -23.24 6.98 14.46
C GLY A 211 -24.15 7.00 13.23
N TYR A 212 -24.91 5.92 13.04
CA TYR A 212 -25.77 5.80 11.83
C TYR A 212 -27.22 6.10 12.14
N THR A 213 -27.75 7.18 11.58
CA THR A 213 -29.17 7.47 11.69
C THR A 213 -29.89 6.90 10.46
N LEU A 214 -31.22 6.91 10.51
CA LEU A 214 -32.04 6.42 9.42
C LEU A 214 -31.98 7.40 8.24
N GLU A 215 -31.65 8.66 8.54
CA GLU A 215 -31.36 9.64 7.50
C GLU A 215 -30.18 9.17 6.65
N THR A 216 -29.08 8.77 7.30
CA THR A 216 -27.85 8.39 6.62
C THR A 216 -27.97 6.97 6.05
N LEU A 217 -28.96 6.23 6.53
CA LEU A 217 -29.09 4.82 6.09
C LEU A 217 -30.19 4.74 5.03
N LYS A 218 -30.77 5.87 4.66
CA LYS A 218 -31.92 5.82 3.72
C LYS A 218 -31.47 5.38 2.31
N PRO A 219 -30.49 6.03 1.65
CA PRO A 219 -30.13 5.60 0.31
C PRO A 219 -30.05 4.08 0.22
N CYS A 220 -29.26 3.47 1.09
CA CYS A 220 -29.07 2.00 1.05
C CYS A 220 -30.43 1.31 1.26
N LEU A 221 -31.13 1.68 2.31
CA LEU A 221 -32.43 1.04 2.62
C LEU A 221 -33.33 1.09 1.38
N LEU A 222 -33.26 2.19 0.64
CA LEU A 222 -34.09 2.32 -0.59
C LEU A 222 -33.73 1.17 -1.54
N ASP A 223 -32.46 1.10 -1.96
CA ASP A 223 -32.03 0.06 -2.92
C ASP A 223 -32.40 -1.32 -2.36
N LEU A 224 -32.26 -1.52 -1.04
CA LEU A 224 -32.49 -2.87 -0.47
C LEU A 224 -33.98 -3.21 -0.63
N HIS A 225 -34.85 -2.30 -0.21
CA HIS A 225 -36.31 -2.54 -0.36
C HIS A 225 -36.56 -2.94 -1.80
N GLN A 226 -36.02 -2.17 -2.72
CA GLN A 226 -36.18 -2.46 -4.14
C GLN A 226 -35.74 -3.90 -4.40
N THR A 227 -34.51 -4.25 -3.95
CA THR A 227 -33.95 -5.57 -4.18
C THR A 227 -34.88 -6.64 -3.61
N TYR A 228 -35.47 -6.36 -2.44
CA TYR A 228 -36.34 -7.31 -1.75
C TYR A 228 -37.60 -7.54 -2.55
N LEU A 229 -38.12 -6.43 -3.11
CA LEU A 229 -39.38 -6.40 -3.84
C LEU A 229 -39.23 -7.18 -5.14
N ARG A 230 -38.13 -6.95 -5.85
CA ARG A 230 -37.86 -7.60 -7.13
C ARG A 230 -37.31 -9.02 -6.91
N ALA A 231 -37.13 -9.42 -5.64
CA ALA A 231 -36.41 -10.65 -5.32
C ALA A 231 -36.94 -11.86 -6.07
N PRO A 232 -38.27 -12.15 -6.07
CA PRO A 232 -38.79 -13.32 -6.78
C PRO A 232 -38.57 -13.34 -8.29
N GLN A 233 -38.30 -12.15 -8.87
CA GLN A 233 -38.08 -11.99 -10.31
C GLN A 233 -36.60 -11.95 -10.68
N HIS A 234 -35.71 -11.88 -9.66
CA HIS A 234 -34.29 -11.78 -9.93
C HIS A 234 -33.83 -13.03 -10.68
N ALA A 235 -32.91 -12.86 -11.64
CA ALA A 235 -32.44 -13.98 -12.43
C ALA A 235 -31.72 -14.98 -11.53
N GLN A 236 -31.37 -14.56 -10.30
CA GLN A 236 -30.61 -15.36 -9.35
C GLN A 236 -31.45 -15.67 -8.12
N GLN A 237 -31.63 -16.96 -7.86
CA GLN A 237 -32.67 -17.44 -6.98
C GLN A 237 -32.11 -18.24 -5.79
N SER A 238 -30.83 -18.61 -5.84
CA SER A 238 -30.25 -19.55 -4.87
C SER A 238 -30.50 -19.13 -3.42
N ILE A 239 -30.47 -17.82 -3.16
CA ILE A 239 -30.60 -17.29 -1.82
C ILE A 239 -32.04 -17.41 -1.35
N ARG A 240 -33.00 -17.17 -2.25
CA ARG A 240 -34.40 -17.33 -1.90
C ARG A 240 -34.69 -18.80 -1.61
N GLU A 241 -34.21 -19.69 -2.49
CA GLU A 241 -34.29 -21.13 -2.31
C GLU A 241 -33.70 -21.53 -0.96
N LYS A 242 -32.60 -20.87 -0.58
CA LYS A 242 -31.86 -21.20 0.62
C LYS A 242 -32.72 -20.90 1.84
N TYR A 243 -33.28 -19.69 1.87
CA TYR A 243 -33.95 -19.17 3.06
C TYR A 243 -35.44 -19.55 3.09
N LYS A 244 -35.88 -20.50 2.25
CA LYS A 244 -37.16 -21.15 2.43
C LYS A 244 -37.06 -22.16 3.57
N ASN A 245 -35.89 -22.83 3.66
CA ASN A 245 -35.71 -23.98 4.51
C ASN A 245 -36.05 -23.61 5.95
N SER A 246 -36.51 -24.62 6.69
CA SER A 246 -36.74 -24.52 8.13
C SER A 246 -35.56 -23.86 8.85
N LYS A 247 -34.32 -24.22 8.45
CA LYS A 247 -33.13 -23.70 9.11
C LYS A 247 -33.23 -22.19 9.30
N TYR A 248 -33.67 -21.48 8.25
CA TYR A 248 -33.70 -20.02 8.24
C TYR A 248 -35.15 -19.55 8.42
N HIS A 249 -36.03 -20.50 8.76
CA HIS A 249 -37.38 -20.21 9.24
C HIS A 249 -38.28 -19.68 8.13
N GLY A 250 -38.00 -20.05 6.87
CA GLY A 250 -38.76 -19.62 5.70
C GLY A 250 -38.93 -18.11 5.53
N VAL A 251 -37.98 -17.29 6.01
CA VAL A 251 -38.09 -15.84 5.96
C VAL A 251 -38.23 -15.35 4.51
N SER A 252 -37.62 -16.07 3.55
CA SER A 252 -37.71 -15.69 2.14
C SER A 252 -39.17 -15.69 1.70
N LEU A 253 -39.95 -16.69 2.12
CA LEU A 253 -41.35 -16.85 1.75
C LEU A 253 -42.21 -15.68 2.25
N LEU A 254 -41.75 -14.94 3.26
CA LEU A 254 -42.48 -13.80 3.79
C LEU A 254 -42.56 -12.69 2.74
N ASN A 255 -43.66 -11.93 2.79
CA ASN A 255 -43.96 -10.88 1.84
C ASN A 255 -43.33 -9.60 2.34
N PRO A 256 -42.49 -8.90 1.51
CA PRO A 256 -41.89 -7.65 1.92
C PRO A 256 -42.90 -6.59 2.24
N PRO A 257 -42.56 -5.52 3.02
CA PRO A 257 -43.49 -4.42 3.21
C PRO A 257 -43.56 -3.71 1.87
N GLU A 258 -44.48 -2.75 1.75
CA GLU A 258 -44.66 -2.04 0.46
C GLU A 258 -44.20 -0.60 0.64
N THR A 259 -44.20 -0.13 1.89
CA THR A 259 -43.75 1.24 2.17
C THR A 259 -42.88 1.22 3.39
N LEU A 260 -42.00 2.20 3.54
CA LEU A 260 -41.02 2.18 4.65
C LEU A 260 -41.31 3.31 5.65
N ASN A 261 -41.76 4.47 5.17
CA ASN A 261 -42.00 5.65 6.05
C ASN A 261 -40.65 6.29 6.41
N VAL A 262 -40.51 7.59 6.19
CA VAL A 262 -39.21 8.27 6.45
C VAL A 262 -39.47 9.72 6.91
N GLY B 1 5.88 -7.51 -8.27
CA GLY B 1 4.85 -7.06 -7.31
C GLY B 1 3.90 -8.20 -7.01
N PRO B 2 2.61 -8.12 -7.45
CA PRO B 2 1.72 -9.29 -7.54
C PRO B 2 2.17 -10.56 -8.27
N GLY B 3 3.00 -10.42 -9.32
CA GLY B 3 3.13 -11.46 -10.33
C GLY B 3 4.42 -12.27 -10.22
N SER B 4 4.56 -13.25 -11.14
CA SER B 4 5.63 -14.23 -11.23
C SER B 4 5.70 -14.79 -12.66
N MET B 5 6.92 -14.85 -13.24
CA MET B 5 7.10 -15.22 -14.65
C MET B 5 6.53 -16.60 -14.97
N GLU B 6 6.24 -17.37 -13.93
CA GLU B 6 5.79 -18.73 -14.13
C GLU B 6 4.34 -18.76 -14.62
N ASN B 7 3.59 -17.70 -14.37
CA ASN B 7 2.21 -17.63 -14.86
C ASN B 7 2.13 -16.93 -16.21
N PHE B 8 3.27 -16.57 -16.84
CA PHE B 8 3.20 -16.03 -18.17
C PHE B 8 3.60 -17.07 -19.21
N GLN B 9 2.95 -16.97 -20.37
CA GLN B 9 3.18 -17.80 -21.53
C GLN B 9 3.53 -16.88 -22.69
N LYS B 10 4.80 -16.91 -23.09
CA LYS B 10 5.29 -16.02 -24.14
C LYS B 10 4.62 -16.46 -25.44
N VAL B 11 4.33 -15.50 -26.32
CA VAL B 11 3.47 -15.79 -27.45
C VAL B 11 4.27 -15.56 -28.73
N GLU B 12 4.77 -14.33 -28.88
CA GLU B 12 5.73 -14.00 -29.92
C GLU B 12 6.36 -12.65 -29.56
N LYS B 13 7.49 -12.32 -30.21
CA LYS B 13 8.20 -11.07 -30.03
C LYS B 13 7.40 -9.98 -30.76
N ILE B 14 7.41 -8.75 -30.25
CA ILE B 14 6.55 -7.74 -30.88
C ILE B 14 7.31 -6.45 -31.13
N GLY B 15 8.57 -6.40 -30.75
CA GLY B 15 9.30 -5.13 -30.77
C GLY B 15 10.62 -5.25 -30.04
N GLU B 16 11.39 -4.17 -29.96
CA GLU B 16 12.66 -4.20 -29.20
C GLU B 16 13.12 -2.78 -28.86
N GLY B 17 13.61 -2.57 -27.63
CA GLY B 17 14.14 -1.27 -27.23
C GLY B 17 15.66 -1.33 -27.10
N THR B 18 16.26 -0.43 -26.33
CA THR B 18 17.73 -0.39 -26.22
C THR B 18 18.18 -1.21 -25.05
N TYR B 19 17.24 -1.62 -24.19
CA TYR B 19 17.65 -2.37 -22.97
C TYR B 19 17.00 -3.74 -22.99
N GLY B 20 16.36 -4.08 -24.12
CA GLY B 20 15.82 -5.44 -24.23
C GLY B 20 14.81 -5.57 -25.36
N VAL B 21 14.12 -6.70 -25.38
CA VAL B 21 13.11 -6.96 -26.44
C VAL B 21 11.74 -7.08 -25.79
N VAL B 22 10.70 -6.61 -26.47
CA VAL B 22 9.35 -6.77 -25.98
C VAL B 22 8.69 -8.01 -26.59
N TYR B 23 8.00 -8.77 -25.74
CA TYR B 23 7.22 -9.92 -26.17
C TYR B 23 5.75 -9.68 -25.83
N LYS B 24 4.86 -10.38 -26.54
CA LYS B 24 3.48 -10.50 -26.13
C LYS B 24 3.32 -11.81 -25.37
N ALA B 25 2.50 -11.79 -24.31
CA ALA B 25 2.30 -13.00 -23.52
C ALA B 25 0.88 -13.06 -22.99
N ARG B 26 0.52 -14.22 -22.46
N ARG B 26 0.47 -14.23 -22.52
CA ARG B 26 -0.80 -14.47 -21.92
CA ARG B 26 -0.83 -14.41 -21.93
C ARG B 26 -0.62 -14.90 -20.47
C ARG B 26 -0.61 -14.86 -20.48
N ASN B 27 -1.33 -14.23 -19.55
CA ASN B 27 -1.40 -14.67 -18.18
C ASN B 27 -2.19 -15.97 -18.18
N LYS B 28 -1.60 -17.05 -17.69
CA LYS B 28 -2.22 -18.35 -17.82
C LYS B 28 -3.38 -18.48 -16.85
N LEU B 29 -3.48 -17.57 -15.87
CA LEU B 29 -4.48 -17.73 -14.83
C LEU B 29 -5.71 -16.85 -15.07
N THR B 30 -5.48 -15.62 -15.54
CA THR B 30 -6.54 -14.65 -15.75
C THR B 30 -6.96 -14.57 -17.22
N GLY B 31 -5.99 -14.75 -18.14
CA GLY B 31 -6.24 -14.76 -19.58
C GLY B 31 -5.67 -13.49 -20.21
N GLU B 32 -5.23 -12.59 -19.36
CA GLU B 32 -4.92 -11.27 -19.84
C GLU B 32 -3.70 -11.41 -20.75
N VAL B 33 -3.82 -10.75 -21.90
CA VAL B 33 -2.71 -10.56 -22.82
C VAL B 33 -1.95 -9.31 -22.39
N VAL B 34 -0.61 -9.42 -22.38
CA VAL B 34 0.27 -8.40 -21.81
C VAL B 34 1.45 -8.19 -22.75
N ALA B 35 2.21 -7.12 -22.53
CA ALA B 35 3.51 -6.95 -23.15
C ALA B 35 4.58 -7.03 -22.07
N LEU B 36 5.49 -8.01 -22.19
CA LEU B 36 6.66 -8.12 -21.35
C LEU B 36 7.82 -7.35 -21.98
N LYS B 37 8.36 -6.38 -21.25
CA LYS B 37 9.59 -5.72 -21.65
C LYS B 37 10.68 -6.28 -20.72
N LYS B 38 11.58 -7.08 -21.27
CA LYS B 38 12.67 -7.68 -20.44
C LYS B 38 13.83 -6.69 -20.30
N ILE B 39 14.27 -6.40 -19.09
CA ILE B 39 15.47 -5.51 -18.92
C ILE B 39 16.60 -6.39 -18.38
N ARG B 40 17.53 -6.77 -19.17
CA ARG B 40 18.64 -7.65 -18.72
C ARG B 40 19.62 -6.79 -17.91
N LEU B 41 19.90 -7.20 -16.68
CA LEU B 41 20.82 -6.43 -15.82
C LEU B 41 22.17 -7.18 -15.80
N ASP B 42 22.28 -8.23 -16.60
CA ASP B 42 23.53 -9.03 -16.69
C ASP B 42 24.52 -8.21 -17.51
N THR B 43 24.02 -7.49 -18.50
CA THR B 43 24.89 -6.60 -19.29
C THR B 43 25.03 -5.31 -18.53
N GLU B 44 24.43 -5.24 -17.34
CA GLU B 44 24.44 -3.96 -16.60
C GLU B 44 25.54 -3.96 -15.54
N THR B 45 26.59 -3.17 -15.77
CA THR B 45 27.67 -3.03 -14.79
C THR B 45 27.40 -1.79 -14.00
N GLU B 46 26.47 -0.96 -14.48
CA GLU B 46 26.11 0.28 -13.76
C GLU B 46 24.79 0.04 -13.04
N GLY B 47 24.36 -1.22 -13.00
CA GLY B 47 23.16 -1.56 -12.26
C GLY B 47 21.88 -1.29 -13.05
N VAL B 48 20.77 -0.98 -12.34
CA VAL B 48 19.52 -0.79 -13.04
C VAL B 48 19.63 0.50 -13.86
N PRO B 49 19.45 0.48 -15.20
CA PRO B 49 19.66 1.68 -15.99
C PRO B 49 18.72 2.78 -15.56
N SER B 50 19.13 4.03 -15.78
CA SER B 50 18.35 5.19 -15.38
C SER B 50 17.06 5.25 -16.18
N THR B 51 17.11 4.79 -17.44
CA THR B 51 15.91 4.79 -18.28
C THR B 51 14.82 3.96 -17.59
N ALA B 52 15.20 2.79 -17.08
CA ALA B 52 14.20 1.93 -16.49
C ALA B 52 13.69 2.50 -15.16
N ILE B 53 14.56 3.19 -14.41
CA ILE B 53 14.21 3.79 -13.12
C ILE B 53 13.15 4.89 -13.30
N ARG B 54 13.35 5.76 -14.29
CA ARG B 54 12.36 6.76 -14.59
C ARG B 54 11.11 6.13 -15.18
N GLU B 55 11.26 5.16 -16.09
CA GLU B 55 10.09 4.60 -16.75
C GLU B 55 9.16 4.01 -15.69
N ILE B 56 9.72 3.18 -14.80
CA ILE B 56 8.92 2.44 -13.85
C ILE B 56 8.33 3.45 -12.85
N SER B 57 9.16 4.33 -12.28
CA SER B 57 8.68 5.20 -11.22
C SER B 57 7.59 6.15 -11.72
N LEU B 58 7.72 6.60 -12.97
CA LEU B 58 6.78 7.59 -13.46
C LEU B 58 5.50 6.90 -13.91
N LEU B 59 5.60 5.72 -14.53
CA LEU B 59 4.40 5.08 -15.05
C LEU B 59 3.54 4.56 -13.92
N LYS B 60 4.18 4.23 -12.79
CA LYS B 60 3.50 3.72 -11.62
C LYS B 60 2.38 4.67 -11.18
N GLU B 61 2.60 5.98 -11.34
CA GLU B 61 1.68 6.98 -10.83
C GLU B 61 0.81 7.63 -11.92
N LEU B 62 1.14 7.38 -13.18
CA LEU B 62 0.37 7.94 -14.31
C LEU B 62 -0.71 6.94 -14.72
N ASN B 63 -1.83 6.95 -14.03
CA ASN B 63 -2.97 6.04 -14.37
C ASN B 63 -4.01 6.82 -15.17
N HIS B 64 -3.99 6.67 -16.49
CA HIS B 64 -4.92 7.39 -17.37
C HIS B 64 -5.26 6.48 -18.54
N PRO B 65 -6.52 6.46 -19.01
CA PRO B 65 -6.89 5.65 -20.15
C PRO B 65 -6.08 5.87 -21.42
N ASN B 66 -5.34 6.96 -21.51
CA ASN B 66 -4.61 7.30 -22.76
C ASN B 66 -3.11 7.16 -22.49
N ILE B 67 -2.75 6.66 -21.32
CA ILE B 67 -1.38 6.29 -21.06
C ILE B 67 -1.36 4.78 -20.82
N VAL B 68 -0.48 4.08 -21.52
CA VAL B 68 -0.28 2.65 -21.40
C VAL B 68 0.00 2.33 -19.95
N LYS B 69 -0.58 1.25 -19.49
CA LYS B 69 -0.48 0.90 -18.09
C LYS B 69 0.64 -0.11 -17.87
N LEU B 70 1.51 0.22 -16.91
CA LEU B 70 2.44 -0.70 -16.25
C LEU B 70 1.64 -1.51 -15.24
N LEU B 71 1.53 -2.81 -15.46
CA LEU B 71 0.72 -3.67 -14.61
C LEU B 71 1.54 -4.18 -13.44
N ASP B 72 2.85 -4.33 -13.62
CA ASP B 72 3.68 -5.09 -12.69
C ASP B 72 5.16 -4.98 -13.07
N VAL B 73 6.03 -5.28 -12.10
CA VAL B 73 7.50 -5.33 -12.33
C VAL B 73 7.93 -6.61 -11.59
N ILE B 74 8.49 -7.57 -12.32
CA ILE B 74 9.02 -8.82 -11.72
C ILE B 74 10.53 -8.61 -11.54
N HIS B 75 10.98 -8.44 -10.31
CA HIS B 75 12.39 -8.10 -10.02
C HIS B 75 13.20 -9.34 -9.70
N THR B 76 13.49 -10.18 -10.70
CA THR B 76 14.38 -11.34 -10.46
C THR B 76 15.78 -10.80 -10.19
N GLU B 77 16.72 -11.69 -9.87
CA GLU B 77 18.07 -11.21 -9.49
C GLU B 77 18.82 -10.64 -10.70
N ASN B 78 18.86 -11.37 -11.82
CA ASN B 78 19.69 -10.89 -12.96
C ASN B 78 18.78 -10.31 -14.04
N LYS B 79 17.48 -10.28 -13.80
CA LYS B 79 16.56 -9.79 -14.85
C LYS B 79 15.41 -8.97 -14.27
N LEU B 80 14.95 -7.98 -15.01
CA LEU B 80 13.79 -7.19 -14.64
C LEU B 80 12.76 -7.27 -15.77
N TYR B 81 11.53 -7.70 -15.48
CA TYR B 81 10.44 -7.77 -16.46
C TYR B 81 9.35 -6.72 -16.20
N LEU B 82 9.12 -5.86 -17.19
CA LEU B 82 8.05 -4.88 -17.08
C LEU B 82 6.79 -5.44 -17.74
N VAL B 83 5.68 -5.61 -16.99
CA VAL B 83 4.47 -6.13 -17.58
C VAL B 83 3.54 -4.97 -17.95
N PHE B 84 3.24 -4.83 -19.25
CA PHE B 84 2.40 -3.69 -19.71
C PHE B 84 1.08 -4.20 -20.25
N GLU B 85 0.05 -3.36 -20.24
CA GLU B 85 -1.23 -3.76 -20.88
C GLU B 85 -0.94 -3.95 -22.37
N PHE B 86 -1.63 -4.87 -23.04
CA PHE B 86 -1.25 -5.16 -24.46
C PHE B 86 -2.11 -4.37 -25.45
N LEU B 87 -1.44 -3.66 -26.38
CA LEU B 87 -2.14 -2.99 -27.47
C LEU B 87 -1.59 -3.49 -28.81
N HIS B 88 -2.50 -3.77 -29.78
N HIS B 88 -2.51 -3.63 -29.78
CA HIS B 88 -2.14 -4.57 -30.96
CA HIS B 88 -2.33 -4.49 -30.94
C HIS B 88 -1.11 -3.90 -31.87
C HIS B 88 -1.33 -3.89 -31.96
N GLN B 89 -1.14 -2.56 -31.97
CA GLN B 89 -0.33 -1.89 -32.98
C GLN B 89 0.13 -0.50 -32.54
N ASP B 90 1.09 0.11 -33.24
CA ASP B 90 1.44 1.52 -33.06
C ASP B 90 0.90 2.39 -34.22
N LEU B 91 0.94 3.71 -34.06
CA LEU B 91 0.35 4.62 -35.09
C LEU B 91 1.12 4.55 -36.41
N LYS B 92 2.44 4.42 -36.38
CA LYS B 92 3.21 4.45 -37.66
C LYS B 92 2.80 3.26 -38.53
N LYS B 93 2.65 2.09 -37.94
CA LYS B 93 2.28 0.88 -38.70
C LYS B 93 0.90 1.04 -39.32
N PHE B 94 -0.05 1.61 -38.57
CA PHE B 94 -1.41 1.82 -39.10
C PHE B 94 -1.34 2.82 -40.23
N MET B 95 -0.58 3.89 -40.03
CA MET B 95 -0.49 4.96 -41.05
C MET B 95 0.18 4.40 -42.29
N ASP B 96 1.17 3.53 -42.11
CA ASP B 96 1.95 3.02 -43.27
C ASP B 96 1.22 1.86 -43.93
N ALA B 97 0.79 0.89 -43.14
CA ALA B 97 0.23 -0.34 -43.75
C ALA B 97 -1.24 -0.20 -44.10
N SER B 98 -2.01 0.51 -43.29
CA SER B 98 -3.44 0.53 -43.65
C SER B 98 -3.74 1.84 -44.38
N ALA B 99 -3.63 2.96 -43.69
CA ALA B 99 -4.04 4.24 -44.29
C ALA B 99 -3.25 4.54 -45.58
N LEU B 100 -3.74 4.10 -46.73
CA LEU B 100 -3.10 4.45 -48.02
C LEU B 100 -4.11 5.34 -48.75
N THR B 101 -5.40 5.14 -48.47
CA THR B 101 -6.44 6.05 -49.00
C THR B 101 -6.56 7.15 -47.99
N GLY B 102 -5.95 6.98 -46.81
CA GLY B 102 -5.95 8.03 -45.78
C GLY B 102 -6.56 7.60 -44.48
N ILE B 103 -6.26 8.30 -43.39
CA ILE B 103 -6.93 8.03 -42.09
C ILE B 103 -8.20 8.89 -42.09
N PRO B 104 -9.38 8.35 -41.77
CA PRO B 104 -10.59 9.17 -41.74
C PRO B 104 -10.50 10.32 -40.76
N LEU B 105 -11.11 11.46 -41.10
CA LEU B 105 -11.03 12.64 -40.25
C LEU B 105 -11.62 12.33 -38.88
N PRO B 106 -12.75 11.59 -38.78
CA PRO B 106 -13.26 11.16 -37.46
C PRO B 106 -12.19 10.52 -36.58
N LEU B 107 -11.40 9.60 -37.16
CA LEU B 107 -10.41 8.84 -36.43
C LEU B 107 -9.21 9.73 -36.08
N ILE B 108 -8.87 10.69 -36.96
CA ILE B 108 -7.75 11.59 -36.71
C ILE B 108 -8.07 12.43 -35.46
N LYS B 109 -9.32 12.86 -35.44
CA LYS B 109 -9.82 13.80 -34.47
C LYS B 109 -9.93 13.08 -33.13
N SER B 110 -10.54 11.90 -33.17
CA SER B 110 -10.61 11.00 -32.03
C SER B 110 -9.20 10.73 -31.50
N TYR B 111 -8.22 10.49 -32.40
CA TYR B 111 -6.91 10.12 -31.90
C TYR B 111 -6.18 11.31 -31.29
N LEU B 112 -6.33 12.50 -31.92
CA LEU B 112 -5.60 13.67 -31.45
C LEU B 112 -6.16 14.09 -30.08
N PHE B 113 -7.49 14.05 -30.02
CA PHE B 113 -8.20 14.34 -28.79
C PHE B 113 -7.72 13.43 -27.66
N GLN B 114 -7.56 12.13 -27.96
CA GLN B 114 -7.08 11.22 -26.93
C GLN B 114 -5.64 11.52 -26.55
N LEU B 115 -4.77 11.82 -27.52
CA LEU B 115 -3.38 12.06 -27.14
C LEU B 115 -3.30 13.31 -26.25
N LEU B 116 -4.17 14.29 -26.52
CA LEU B 116 -4.15 15.53 -25.76
C LEU B 116 -4.58 15.27 -24.33
N GLN B 117 -5.58 14.41 -24.15
CA GLN B 117 -5.98 14.01 -22.81
C GLN B 117 -4.82 13.36 -22.06
N GLY B 118 -4.12 12.44 -22.73
CA GLY B 118 -3.04 11.67 -22.11
C GLY B 118 -1.86 12.56 -21.75
N LEU B 119 -1.57 13.50 -22.64
CA LEU B 119 -0.49 14.44 -22.43
C LEU B 119 -0.84 15.43 -21.32
N ALA B 120 -2.09 15.92 -21.32
CA ALA B 120 -2.50 16.86 -20.31
C ALA B 120 -2.31 16.22 -18.94
N PHE B 121 -2.72 14.96 -18.80
CA PHE B 121 -2.56 14.22 -17.57
C PHE B 121 -1.08 14.13 -17.20
N CYS B 122 -0.20 13.87 -18.19
CA CYS B 122 1.24 13.83 -17.90
C CYS B 122 1.71 15.15 -17.31
N HIS B 123 1.43 16.26 -17.99
CA HIS B 123 1.87 17.58 -17.57
C HIS B 123 1.29 17.94 -16.20
N SER B 124 0.10 17.48 -15.90
CA SER B 124 -0.57 17.71 -14.61
C SER B 124 0.09 16.89 -13.48
N HIS B 125 0.92 15.92 -13.85
CA HIS B 125 1.62 15.09 -12.84
C HIS B 125 3.12 15.33 -13.01
N ARG B 126 3.52 16.57 -13.33
CA ARG B 126 4.95 16.99 -13.44
C ARG B 126 5.78 15.98 -14.24
N VAL B 127 5.28 15.55 -15.39
CA VAL B 127 6.01 14.56 -16.22
C VAL B 127 6.05 14.98 -17.70
N LEU B 128 7.24 15.20 -18.24
CA LEU B 128 7.42 15.40 -19.67
C LEU B 128 7.68 14.03 -20.34
N HIS B 129 7.18 13.84 -21.57
CA HIS B 129 7.43 12.59 -22.30
C HIS B 129 8.78 12.60 -23.02
N ARG B 130 8.98 13.58 -23.93
CA ARG B 130 10.25 13.90 -24.59
C ARG B 130 10.60 12.90 -25.70
N ASP B 131 9.61 12.18 -26.21
CA ASP B 131 9.79 11.28 -27.35
C ASP B 131 8.44 10.94 -27.97
N LEU B 132 7.57 11.95 -28.11
CA LEU B 132 6.30 11.71 -28.78
C LEU B 132 6.52 11.62 -30.29
N LYS B 133 6.27 10.42 -30.80
CA LYS B 133 6.32 10.12 -32.21
C LYS B 133 5.34 9.01 -32.41
N PRO B 134 4.87 8.71 -33.67
CA PRO B 134 3.83 7.71 -33.89
C PRO B 134 4.17 6.27 -33.52
N GLN B 135 5.44 5.95 -33.42
CA GLN B 135 5.89 4.58 -33.08
C GLN B 135 5.76 4.37 -31.57
N ASN B 136 5.61 5.46 -30.83
CA ASN B 136 5.48 5.38 -29.36
C ASN B 136 4.02 5.62 -29.00
N LEU B 137 3.12 5.55 -29.98
CA LEU B 137 1.72 5.75 -29.71
C LEU B 137 0.97 4.46 -30.10
N LEU B 138 0.32 3.84 -29.12
CA LEU B 138 -0.27 2.52 -29.34
C LEU B 138 -1.79 2.61 -29.48
N ILE B 139 -2.34 1.83 -30.43
CA ILE B 139 -3.76 1.74 -30.68
C ILE B 139 -4.28 0.33 -30.40
N ASN B 140 -5.52 0.24 -29.92
CA ASN B 140 -6.13 -1.07 -29.72
C ASN B 140 -7.26 -1.26 -30.74
N THR B 141 -7.99 -2.36 -30.58
CA THR B 141 -9.10 -2.68 -31.48
C THR B 141 -10.33 -1.85 -31.14
N GLU B 142 -10.31 -1.12 -30.03
CA GLU B 142 -11.50 -0.45 -29.56
C GLU B 142 -11.56 1.00 -30.02
N GLY B 143 -10.44 1.52 -30.52
CA GLY B 143 -10.38 2.91 -30.93
C GLY B 143 -9.56 3.74 -29.95
N ALA B 144 -8.96 3.08 -28.94
CA ALA B 144 -8.11 3.79 -28.00
C ALA B 144 -6.74 3.99 -28.63
N ILE B 145 -6.12 5.15 -28.40
CA ILE B 145 -4.70 5.42 -28.66
C ILE B 145 -4.05 5.88 -27.35
N LYS B 146 -2.81 5.44 -27.12
CA LYS B 146 -2.22 5.59 -25.80
C LYS B 146 -0.75 5.95 -25.91
N LEU B 147 -0.32 7.00 -25.18
CA LEU B 147 1.10 7.33 -25.06
C LEU B 147 1.84 6.15 -24.45
N ALA B 148 2.99 5.83 -25.05
CA ALA B 148 3.83 4.72 -24.63
C ALA B 148 5.29 5.18 -24.69
N ASP B 149 6.14 4.27 -24.20
CA ASP B 149 7.58 4.39 -24.14
C ASP B 149 8.01 5.60 -23.33
N PHE B 150 8.06 5.47 -22.00
CA PHE B 150 8.41 6.58 -21.14
C PHE B 150 9.90 6.55 -20.75
N GLY B 151 10.74 5.92 -21.56
CA GLY B 151 12.17 5.79 -21.23
C GLY B 151 12.89 7.12 -21.25
N LEU B 152 12.48 8.04 -22.12
CA LEU B 152 13.13 9.37 -22.24
C LEU B 152 12.36 10.40 -21.40
N ALA B 153 11.44 9.96 -20.56
CA ALA B 153 10.59 10.89 -19.82
C ALA B 153 11.30 11.40 -18.57
N ARG B 154 10.83 12.53 -18.06
CA ARG B 154 11.48 13.12 -16.87
C ARG B 154 10.46 13.82 -15.98
N ALA B 155 10.65 13.70 -14.66
CA ALA B 155 9.82 14.43 -13.70
C ALA B 155 10.37 15.84 -13.57
N PHE B 156 9.53 16.83 -13.85
CA PHE B 156 10.00 18.21 -13.79
C PHE B 156 9.53 18.89 -12.52
N GLY B 157 10.24 19.97 -12.16
CA GLY B 157 9.83 20.93 -11.15
C GLY B 157 9.38 22.23 -11.81
N VAL B 158 8.81 23.12 -10.99
CA VAL B 158 8.22 24.37 -11.43
C VAL B 158 8.93 25.50 -10.67
N PRO B 159 9.63 26.43 -11.38
CA PRO B 159 9.91 26.29 -12.81
C PRO B 159 10.90 25.17 -13.14
N VAL B 160 11.02 24.85 -14.43
CA VAL B 160 11.88 23.72 -14.86
C VAL B 160 13.36 24.12 -14.80
N ARG B 161 14.26 23.15 -14.67
CA ARG B 161 15.71 23.42 -14.69
C ARG B 161 16.25 22.98 -16.05
N THR B 162 17.57 23.06 -16.25
CA THR B 162 18.15 22.55 -17.50
C THR B 162 18.18 21.04 -17.48
N TYR B 163 17.45 20.39 -18.39
CA TYR B 163 17.51 18.94 -18.48
C TYR B 163 18.30 18.54 -19.75
N TPO B 164 18.30 17.24 -20.05
CA TPO B 164 19.05 16.72 -21.17
CB TPO B 164 18.89 15.19 -21.19
CG2 TPO B 164 19.81 14.50 -22.19
OG1 TPO B 164 19.19 14.72 -19.82
P TPO B 164 17.98 14.09 -18.92
O1P TPO B 164 16.92 15.15 -18.77
O2P TPO B 164 18.69 13.67 -17.63
O3P TPO B 164 17.38 12.89 -19.64
C TPO B 164 18.67 17.43 -22.47
O TPO B 164 17.49 17.70 -22.71
N HIS B 165 19.69 17.69 -23.30
CA HIS B 165 19.56 18.39 -24.57
C HIS B 165 19.26 17.38 -25.68
N GLU B 166 19.82 16.18 -25.52
CA GLU B 166 19.63 15.16 -26.53
C GLU B 166 18.28 14.52 -26.26
N VAL B 167 17.19 15.20 -26.67
CA VAL B 167 15.83 14.77 -26.34
C VAL B 167 14.93 14.93 -27.57
N VAL B 168 13.99 13.99 -27.73
CA VAL B 168 13.01 13.94 -28.82
C VAL B 168 13.69 13.52 -30.12
N THR B 169 13.13 12.50 -30.78
CA THR B 169 13.55 12.09 -32.11
C THR B 169 13.50 13.32 -33.00
N LEU B 170 14.52 13.46 -33.86
CA LEU B 170 14.79 14.70 -34.57
C LEU B 170 13.52 15.25 -35.24
N TRP B 171 12.82 14.42 -36.03
CA TRP B 171 11.66 14.89 -36.78
C TRP B 171 10.59 15.56 -35.91
N TYR B 172 10.67 15.36 -34.58
CA TYR B 172 9.58 15.77 -33.71
C TYR B 172 10.10 16.76 -32.69
N ARG B 173 11.36 17.18 -32.86
CA ARG B 173 12.04 18.05 -31.92
C ARG B 173 11.64 19.51 -32.16
N ALA B 174 11.31 20.18 -31.05
CA ALA B 174 10.85 21.54 -31.06
C ALA B 174 12.01 22.51 -31.31
N PRO B 175 11.73 23.72 -31.84
CA PRO B 175 12.81 24.62 -32.25
C PRO B 175 13.70 25.04 -31.08
N GLU B 176 13.10 25.08 -29.87
CA GLU B 176 13.83 25.65 -28.76
C GLU B 176 14.88 24.63 -28.28
N ILE B 177 14.66 23.36 -28.62
CA ILE B 177 15.68 22.36 -28.34
C ILE B 177 16.76 22.50 -29.42
N LEU B 178 16.32 22.65 -30.67
CA LEU B 178 17.26 22.80 -31.76
C LEU B 178 18.15 24.02 -31.55
N LEU B 179 17.63 25.09 -30.93
CA LEU B 179 18.42 26.31 -30.77
C LEU B 179 19.21 26.27 -29.46
N GLY B 180 19.15 25.14 -28.76
CA GLY B 180 19.99 24.93 -27.60
C GLY B 180 19.55 25.84 -26.45
N CYS B 181 18.24 26.09 -26.35
CA CYS B 181 17.75 26.94 -25.28
C CYS B 181 18.16 26.29 -23.95
N LYS B 182 18.46 27.13 -22.96
CA LYS B 182 18.83 26.68 -21.62
C LYS B 182 17.71 25.86 -21.00
N TYR B 183 16.46 26.23 -21.28
CA TYR B 183 15.33 25.67 -20.59
C TYR B 183 14.27 25.31 -21.63
N TYR B 184 13.58 24.20 -21.34
CA TYR B 184 12.44 23.82 -22.14
C TYR B 184 11.42 23.19 -21.19
N SER B 185 10.19 23.10 -21.70
CA SER B 185 9.07 22.82 -20.83
C SER B 185 8.08 21.95 -21.60
N THR B 186 6.84 21.96 -21.12
CA THR B 186 5.76 21.12 -21.57
C THR B 186 5.50 21.32 -23.04
N ALA B 187 5.89 22.50 -23.55
CA ALA B 187 5.60 22.91 -24.91
C ALA B 187 6.29 21.98 -25.92
N VAL B 188 7.45 21.40 -25.54
CA VAL B 188 8.16 20.49 -26.42
C VAL B 188 7.28 19.29 -26.77
N ASP B 189 6.44 18.83 -25.81
CA ASP B 189 5.53 17.73 -26.10
C ASP B 189 4.43 18.20 -27.05
N ILE B 190 3.93 19.42 -26.85
CA ILE B 190 2.93 19.93 -27.78
C ILE B 190 3.49 19.98 -29.21
N TRP B 191 4.72 20.47 -29.37
CA TRP B 191 5.34 20.52 -30.68
C TRP B 191 5.28 19.16 -31.39
N SER B 192 5.67 18.09 -30.68
CA SER B 192 5.65 16.74 -31.21
C SER B 192 4.25 16.31 -31.65
N LEU B 193 3.23 16.51 -30.81
CA LEU B 193 1.87 16.19 -31.21
C LEU B 193 1.46 17.00 -32.43
N GLY B 194 1.96 18.23 -32.52
CA GLY B 194 1.68 19.05 -33.69
C GLY B 194 2.21 18.37 -34.95
N CYS B 195 3.49 18.00 -34.93
CA CYS B 195 4.05 17.27 -36.06
C CYS B 195 3.23 16.02 -36.33
N ILE B 196 2.74 15.36 -35.25
CA ILE B 196 2.04 14.09 -35.38
C ILE B 196 0.68 14.29 -36.02
N PHE B 197 -0.02 15.37 -35.59
CA PHE B 197 -1.30 15.75 -36.14
C PHE B 197 -1.20 15.88 -37.66
N ALA B 198 -0.26 16.73 -38.13
CA ALA B 198 -0.09 16.92 -39.56
C ALA B 198 0.15 15.56 -40.21
N GLU B 199 0.96 14.74 -39.54
CA GLU B 199 1.44 13.48 -40.09
C GLU B 199 0.28 12.50 -40.24
N MET B 200 -0.65 12.51 -39.29
CA MET B 200 -1.85 11.70 -39.43
C MET B 200 -2.64 12.12 -40.67
N VAL B 201 -2.56 13.38 -41.09
CA VAL B 201 -3.41 13.84 -42.22
C VAL B 201 -2.71 13.54 -43.55
N THR B 202 -1.39 13.66 -43.59
CA THR B 202 -0.66 13.50 -44.87
C THR B 202 -0.04 12.14 -44.96
N ARG B 203 0.15 11.46 -43.84
CA ARG B 203 0.83 10.13 -43.81
C ARG B 203 2.30 10.33 -44.18
N ARG B 204 2.83 11.51 -43.91
CA ARG B 204 4.27 11.79 -44.17
C ARG B 204 4.80 12.72 -43.06
N ALA B 205 6.03 12.51 -42.63
CA ALA B 205 6.67 13.41 -41.63
C ALA B 205 6.49 14.87 -42.04
N LEU B 206 6.02 15.71 -41.11
CA LEU B 206 5.88 17.16 -41.39
C LEU B 206 7.27 17.76 -41.68
N PHE B 207 8.24 17.53 -40.79
CA PHE B 207 9.61 18.07 -40.98
C PHE B 207 10.62 16.91 -40.93
N PRO B 208 10.85 16.18 -42.05
CA PRO B 208 11.77 15.04 -42.03
C PRO B 208 13.23 15.42 -42.24
N GLY B 209 13.82 16.11 -41.27
CA GLY B 209 15.18 16.61 -41.47
C GLY B 209 16.18 15.50 -41.23
N ASP B 210 17.42 15.67 -41.73
CA ASP B 210 18.43 14.64 -41.57
C ASP B 210 19.68 15.21 -40.91
N SER B 211 19.56 16.34 -40.21
CA SER B 211 20.52 16.83 -39.23
C SER B 211 19.84 17.90 -38.40
N GLU B 212 20.45 18.35 -37.30
CA GLU B 212 19.89 19.46 -36.54
C GLU B 212 19.68 20.68 -37.44
N ILE B 213 20.69 21.06 -38.25
CA ILE B 213 20.60 22.31 -38.99
C ILE B 213 19.57 22.19 -40.10
N ASP B 214 19.58 21.04 -40.77
CA ASP B 214 18.62 20.74 -41.82
C ASP B 214 17.21 20.76 -41.26
N GLN B 215 17.01 20.26 -40.05
CA GLN B 215 15.67 20.23 -39.41
C GLN B 215 15.15 21.65 -39.19
N LEU B 216 15.97 22.52 -38.62
CA LEU B 216 15.57 23.92 -38.37
C LEU B 216 15.19 24.59 -39.69
N PHE B 217 15.98 24.39 -40.72
CA PHE B 217 15.75 25.09 -42.02
C PHE B 217 14.47 24.61 -42.64
N ARG B 218 14.10 23.36 -42.42
CA ARG B 218 12.82 22.84 -42.95
C ARG B 218 11.66 23.49 -42.17
N ILE B 219 11.78 23.56 -40.85
CA ILE B 219 10.76 24.22 -40.01
C ILE B 219 10.66 25.69 -40.46
N PHE B 220 11.79 26.33 -40.71
CA PHE B 220 11.81 27.78 -41.07
C PHE B 220 11.21 28.00 -42.45
N ARG B 221 11.32 27.02 -43.33
CA ARG B 221 10.83 27.19 -44.71
C ARG B 221 9.31 26.99 -44.76
N THR B 222 8.74 26.37 -43.73
CA THR B 222 7.30 26.10 -43.69
C THR B 222 6.61 27.12 -42.82
N LEU B 223 7.15 27.38 -41.64
CA LEU B 223 6.46 28.28 -40.68
C LEU B 223 7.09 29.68 -40.71
N GLY B 224 8.13 29.85 -41.50
CA GLY B 224 8.82 31.15 -41.55
C GLY B 224 10.03 31.15 -40.66
N THR B 225 11.07 31.89 -41.03
CA THR B 225 12.23 32.01 -40.15
C THR B 225 11.84 32.94 -39.03
N PRO B 226 11.92 32.51 -37.76
CA PRO B 226 11.44 33.36 -36.66
C PRO B 226 12.34 34.57 -36.40
N ASP B 227 11.75 35.66 -35.89
CA ASP B 227 12.42 36.90 -35.53
C ASP B 227 11.91 37.34 -34.14
N GLU B 228 12.40 38.50 -33.69
CA GLU B 228 12.10 38.99 -32.35
C GLU B 228 10.61 39.26 -32.19
N VAL B 229 9.96 39.71 -33.28
CA VAL B 229 8.53 40.00 -33.26
C VAL B 229 7.71 38.74 -32.94
N VAL B 230 7.95 37.66 -33.68
CA VAL B 230 7.15 36.48 -33.50
C VAL B 230 7.72 35.67 -32.31
N TRP B 231 8.96 35.93 -31.93
CA TRP B 231 9.57 35.09 -30.90
C TRP B 231 10.61 35.89 -30.12
N PRO B 232 10.21 36.69 -29.12
CA PRO B 232 11.19 37.44 -28.32
C PRO B 232 12.29 36.54 -27.73
N GLY B 233 13.56 36.93 -27.89
CA GLY B 233 14.69 36.14 -27.41
C GLY B 233 15.36 35.25 -28.47
N VAL B 234 14.63 34.83 -29.50
CA VAL B 234 15.14 33.88 -30.47
C VAL B 234 16.57 34.24 -30.87
N THR B 235 16.85 35.53 -31.11
CA THR B 235 18.11 35.88 -31.75
C THR B 235 19.26 35.88 -30.74
N SER B 236 18.94 35.64 -29.46
CA SER B 236 19.91 35.62 -28.37
C SER B 236 20.23 34.19 -27.99
N MET B 237 19.46 33.25 -28.54
CA MET B 237 19.56 31.86 -28.16
C MET B 237 20.91 31.28 -28.55
N PRO B 238 21.39 30.30 -27.75
CA PRO B 238 22.78 29.86 -27.86
C PRO B 238 23.21 29.35 -29.24
N ASP B 239 22.26 28.76 -29.99
CA ASP B 239 22.60 28.21 -31.30
C ASP B 239 21.90 28.94 -32.41
N TYR B 240 21.27 30.07 -32.06
CA TYR B 240 20.82 31.03 -33.07
C TYR B 240 22.05 31.60 -33.78
N LYS B 241 21.94 31.77 -35.10
CA LYS B 241 22.97 32.44 -35.88
C LYS B 241 22.31 33.51 -36.75
N PRO B 242 22.79 34.79 -36.76
CA PRO B 242 22.34 35.78 -37.75
C PRO B 242 22.34 35.42 -39.24
N SER B 243 23.29 34.58 -39.67
CA SER B 243 23.42 34.13 -41.05
C SER B 243 22.25 33.25 -41.50
N PHE B 244 21.39 32.78 -40.56
CA PHE B 244 20.25 31.95 -40.92
C PHE B 244 19.41 32.60 -42.00
N PRO B 245 19.08 31.86 -43.08
CA PRO B 245 18.30 32.43 -44.19
C PRO B 245 16.94 32.85 -43.66
N LYS B 246 16.42 33.95 -44.21
CA LYS B 246 15.13 34.47 -43.78
C LYS B 246 14.11 34.00 -44.80
N TRP B 247 13.23 33.08 -44.41
CA TRP B 247 12.21 32.58 -45.32
C TRP B 247 10.86 33.14 -44.86
N ALA B 248 9.99 33.44 -45.82
CA ALA B 248 8.65 33.94 -45.51
C ALA B 248 7.80 32.86 -44.89
N ARG B 249 7.06 33.20 -43.84
CA ARG B 249 6.01 32.30 -43.37
C ARG B 249 5.03 32.05 -44.53
N GLN B 250 4.56 30.82 -44.67
CA GLN B 250 3.56 30.61 -45.71
C GLN B 250 2.24 30.24 -45.04
N ASP B 251 1.12 30.41 -45.76
CA ASP B 251 -0.21 30.08 -45.28
C ASP B 251 -0.27 28.62 -44.87
N PHE B 252 -0.81 28.38 -43.67
CA PHE B 252 -1.15 27.04 -43.23
C PHE B 252 -2.02 26.30 -44.24
N SER B 253 -2.80 27.06 -45.01
CA SER B 253 -3.68 26.39 -45.95
C SER B 253 -2.82 25.54 -46.87
N LYS B 254 -1.54 25.91 -46.99
CA LYS B 254 -0.62 25.32 -47.96
C LYS B 254 0.30 24.30 -47.30
N VAL B 255 0.39 24.33 -45.97
CA VAL B 255 1.21 23.41 -45.21
C VAL B 255 0.50 22.07 -45.17
N VAL B 256 -0.81 22.09 -44.87
CA VAL B 256 -1.62 20.88 -44.80
C VAL B 256 -2.92 21.13 -45.55
N PRO B 257 -2.88 21.07 -46.90
CA PRO B 257 -4.05 21.39 -47.72
C PRO B 257 -5.37 20.70 -47.35
N PRO B 258 -5.41 19.39 -47.07
CA PRO B 258 -6.70 18.76 -46.79
C PRO B 258 -7.37 19.27 -45.53
N LEU B 259 -6.63 20.00 -44.69
CA LEU B 259 -7.11 20.39 -43.37
C LEU B 259 -8.04 21.62 -43.44
N ASP B 260 -9.07 21.61 -42.59
CA ASP B 260 -10.15 22.60 -42.53
C ASP B 260 -9.71 23.79 -41.67
N GLU B 261 -10.55 24.81 -41.57
CA GLU B 261 -10.21 26.04 -40.85
C GLU B 261 -9.92 25.80 -39.35
N ASP B 262 -10.71 24.96 -38.67
CA ASP B 262 -10.49 24.62 -37.27
C ASP B 262 -9.23 23.78 -37.10
N GLY B 263 -9.04 22.79 -37.98
CA GLY B 263 -7.83 21.98 -37.93
C GLY B 263 -6.60 22.87 -37.96
N ARG B 264 -6.61 23.82 -38.92
CA ARG B 264 -5.46 24.66 -39.17
C ARG B 264 -5.23 25.57 -37.98
N SER B 265 -6.32 26.16 -37.48
CA SER B 265 -6.24 26.99 -36.29
C SER B 265 -5.50 26.21 -35.20
N LEU B 266 -5.95 24.98 -34.95
CA LEU B 266 -5.39 24.21 -33.85
C LEU B 266 -3.94 23.87 -34.16
N LEU B 267 -3.66 23.42 -35.39
CA LEU B 267 -2.30 23.03 -35.78
C LEU B 267 -1.33 24.20 -35.63
N SER B 268 -1.77 25.40 -36.03
CA SER B 268 -0.91 26.57 -35.97
C SER B 268 -0.56 26.90 -34.52
N GLN B 269 -1.52 26.63 -33.62
CA GLN B 269 -1.29 26.94 -32.22
C GLN B 269 -0.39 25.88 -31.59
N MET B 270 -0.35 24.67 -32.19
CA MET B 270 0.55 23.65 -31.68
C MET B 270 1.98 23.92 -32.14
N LEU B 271 2.13 24.60 -33.30
CA LEU B 271 3.43 24.84 -33.92
C LEU B 271 3.85 26.30 -33.79
N HIS B 272 3.34 27.00 -32.78
CA HIS B 272 3.79 28.37 -32.54
C HIS B 272 5.26 28.39 -32.11
N TYR B 273 6.04 29.32 -32.68
CA TYR B 273 7.47 29.34 -32.45
C TYR B 273 7.73 29.50 -30.96
N ASP B 274 7.12 30.55 -30.40
CA ASP B 274 7.32 30.94 -29.03
C ASP B 274 6.74 29.89 -28.10
N PRO B 275 7.57 29.19 -27.29
CA PRO B 275 7.07 28.19 -26.36
C PRO B 275 5.98 28.75 -25.44
N ASN B 276 6.07 30.05 -25.09
CA ASN B 276 5.14 30.73 -24.19
C ASN B 276 3.74 30.91 -24.82
N LYS B 277 3.64 31.02 -26.14
CA LYS B 277 2.37 31.25 -26.84
C LYS B 277 1.79 29.92 -27.33
N ARG B 278 2.59 28.84 -27.34
CA ARG B 278 2.11 27.58 -27.89
C ARG B 278 1.00 27.02 -27.00
N ILE B 279 0.00 26.41 -27.63
CA ILE B 279 -1.18 26.02 -26.87
C ILE B 279 -0.85 24.87 -25.92
N SER B 280 -1.40 24.87 -24.70
CA SER B 280 -1.22 23.76 -23.76
C SER B 280 -2.15 22.60 -24.12
N ALA B 281 -1.77 21.36 -23.74
CA ALA B 281 -2.64 20.21 -23.97
C ALA B 281 -4.01 20.44 -23.31
N LYS B 282 -4.03 21.01 -22.10
CA LYS B 282 -5.27 21.28 -21.40
C LYS B 282 -6.19 22.24 -22.17
N ALA B 283 -5.66 23.38 -22.64
CA ALA B 283 -6.40 24.33 -23.49
C ALA B 283 -6.97 23.73 -24.79
N ALA B 284 -6.17 22.89 -25.48
CA ALA B 284 -6.50 22.35 -26.79
C ALA B 284 -7.73 21.43 -26.74
N LEU B 285 -8.04 20.84 -25.59
CA LEU B 285 -9.22 20.00 -25.50
C LEU B 285 -10.49 20.79 -25.82
N ALA B 286 -10.44 22.11 -25.61
CA ALA B 286 -11.62 22.95 -25.81
C ALA B 286 -11.70 23.51 -27.22
N HIS B 287 -10.73 23.20 -28.08
CA HIS B 287 -10.69 23.78 -29.41
C HIS B 287 -11.85 23.29 -30.27
N PRO B 288 -12.51 24.17 -31.04
CA PRO B 288 -13.63 23.78 -31.92
C PRO B 288 -13.34 22.63 -32.90
N PHE B 289 -12.06 22.38 -33.20
CA PHE B 289 -11.72 21.26 -34.04
C PHE B 289 -12.36 19.97 -33.51
N PHE B 290 -12.56 19.89 -32.19
CA PHE B 290 -13.03 18.64 -31.59
C PHE B 290 -14.55 18.61 -31.39
N GLN B 291 -15.26 19.65 -31.81
CA GLN B 291 -16.70 19.76 -31.51
C GLN B 291 -17.55 18.55 -31.92
N ASP B 292 -17.08 17.72 -32.85
CA ASP B 292 -17.95 16.62 -33.34
C ASP B 292 -17.43 15.26 -32.88
N VAL B 293 -16.33 15.26 -32.13
CA VAL B 293 -15.80 13.99 -31.56
C VAL B 293 -16.85 13.50 -30.56
N THR B 294 -17.05 12.20 -30.49
CA THR B 294 -18.10 11.67 -29.58
C THR B 294 -17.74 10.25 -29.18
N LYS B 295 -16.65 9.72 -29.75
CA LYS B 295 -16.18 8.37 -29.33
C LYS B 295 -16.17 8.33 -27.78
N PRO B 296 -16.92 7.43 -27.14
CA PRO B 296 -16.97 7.36 -25.68
C PRO B 296 -15.61 7.15 -25.05
N VAL B 297 -15.32 7.92 -24.00
CA VAL B 297 -13.98 7.84 -23.34
C VAL B 297 -13.74 6.40 -22.86
N PRO B 298 -12.58 5.80 -23.19
CA PRO B 298 -12.24 4.46 -22.73
C PRO B 298 -12.02 4.46 -21.24
N HIS B 299 -12.10 3.28 -20.60
CA HIS B 299 -11.80 3.22 -19.15
C HIS B 299 -10.34 2.80 -18.98
N LEU B 300 -9.78 3.07 -17.80
CA LEU B 300 -8.35 2.74 -17.57
C LEU B 300 -8.25 1.26 -17.18
N ARG B 301 -7.08 0.66 -17.34
CA ARG B 301 -6.87 -0.77 -17.04
C ARG B 301 -6.69 -0.97 -15.53
N LEU B 302 -6.77 -2.22 -15.06
CA LEU B 302 -6.57 -2.51 -13.62
C LEU B 302 -5.18 -3.12 -13.43
N GLY C 1 5.87 32.43 -17.86
CA GLY C 1 5.86 31.75 -19.16
C GLY C 1 5.86 30.22 -18.97
N VAL C 2 5.88 29.50 -20.10
CA VAL C 2 5.75 28.05 -20.10
C VAL C 2 6.72 27.37 -19.13
N ASN C 3 7.88 27.99 -18.80
CA ASN C 3 8.86 27.40 -17.90
C ASN C 3 8.31 27.31 -16.48
N GLU C 4 7.32 28.17 -16.17
CA GLU C 4 6.59 28.14 -14.91
C GLU C 4 5.21 27.50 -15.07
N VAL C 5 4.99 26.75 -16.15
CA VAL C 5 3.80 25.96 -16.45
C VAL C 5 2.54 26.60 -15.86
N PRO C 6 2.17 27.82 -16.28
CA PRO C 6 0.93 28.45 -15.83
C PRO C 6 -0.32 27.55 -15.83
N ASP C 7 -0.49 26.70 -16.87
CA ASP C 7 -1.68 25.89 -17.05
C ASP C 7 -1.68 24.64 -16.16
N TYR C 8 -0.55 24.31 -15.53
CA TYR C 8 -0.48 23.03 -14.77
C TYR C 8 0.15 23.21 -13.38
N HIS C 9 0.93 24.28 -13.17
CA HIS C 9 1.65 24.44 -11.88
C HIS C 9 0.73 24.10 -10.71
N GLU C 10 -0.54 24.47 -10.80
CA GLU C 10 -1.48 24.22 -9.68
C GLU C 10 -1.74 22.70 -9.57
N ASP C 11 -2.23 22.08 -10.66
CA ASP C 11 -2.42 20.60 -10.65
C ASP C 11 -1.17 19.99 -10.00
N ILE C 12 0.01 20.44 -10.42
CA ILE C 12 1.28 19.88 -9.88
C ILE C 12 1.33 20.11 -8.36
N HIS C 13 1.07 21.33 -7.87
CA HIS C 13 1.19 21.56 -6.40
C HIS C 13 0.27 20.60 -5.65
N THR C 14 -0.99 20.54 -6.06
CA THR C 14 -1.97 19.67 -5.39
C THR C 14 -1.48 18.24 -5.37
N TYR C 15 -0.94 17.76 -6.49
CA TYR C 15 -0.46 16.36 -6.59
C TYR C 15 0.70 16.12 -5.66
N LEU C 16 1.65 17.04 -5.62
CA LEU C 16 2.83 16.91 -4.74
C LEU C 16 2.37 16.88 -3.30
N ARG C 17 1.35 17.67 -2.98
CA ARG C 17 0.84 17.76 -1.59
C ARG C 17 0.23 16.42 -1.17
N GLU C 18 -0.21 15.63 -2.15
CA GLU C 18 -0.85 14.34 -1.85
C GLU C 18 0.22 13.24 -1.80
N MET C 19 1.32 13.44 -2.53
CA MET C 19 2.36 12.40 -2.60
C MET C 19 3.36 12.58 -1.45
N GLU C 20 3.47 13.80 -0.92
CA GLU C 20 4.34 14.01 0.26
C GLU C 20 3.79 13.20 1.44
N VAL C 21 2.48 13.02 1.50
CA VAL C 21 1.84 12.25 2.60
C VAL C 21 2.05 10.75 2.33
N LYS C 22 2.10 10.35 1.07
CA LYS C 22 2.34 8.93 0.71
C LYS C 22 3.84 8.62 0.80
N CYS C 23 4.69 9.60 0.54
CA CYS C 23 6.16 9.37 0.53
C CYS C 23 6.75 9.81 1.87
N LYS C 24 5.93 9.87 2.92
CA LYS C 24 6.40 10.35 4.23
C LYS C 24 7.06 9.21 5.02
N PRO C 25 8.23 9.44 5.63
CA PRO C 25 8.85 8.45 6.51
C PRO C 25 8.06 8.40 7.81
N LYS C 26 8.23 7.34 8.60
CA LYS C 26 7.64 7.27 9.92
C LYS C 26 8.39 8.19 10.89
N VAL C 27 7.63 9.02 11.63
CA VAL C 27 8.23 9.97 12.54
C VAL C 27 9.07 9.26 13.59
N GLY C 28 8.58 8.12 14.08
CA GLY C 28 9.28 7.60 15.25
C GLY C 28 10.24 6.45 14.92
N TYR C 29 10.99 6.56 13.81
CA TYR C 29 11.61 5.37 13.24
C TYR C 29 12.90 5.07 14.00
N MET C 30 13.60 6.14 14.42
CA MET C 30 14.94 5.93 14.94
C MET C 30 14.92 5.16 16.25
N LYS C 31 13.89 5.37 17.06
CA LYS C 31 13.78 4.66 18.31
C LYS C 31 13.50 3.17 18.10
N LYS C 32 13.10 2.77 16.89
CA LYS C 32 12.87 1.34 16.57
C LYS C 32 14.12 0.79 15.88
N GLN C 33 15.10 1.63 15.62
CA GLN C 33 16.38 1.19 15.10
C GLN C 33 17.31 0.89 16.26
N PRO C 34 17.61 -0.41 16.52
CA PRO C 34 18.40 -0.79 17.69
C PRO C 34 19.79 -0.17 17.69
N ASP C 35 20.43 -0.10 16.50
CA ASP C 35 21.86 0.12 16.42
C ASP C 35 22.27 1.44 15.78
N ILE C 36 21.31 2.29 15.44
CA ILE C 36 21.60 3.60 14.88
C ILE C 36 20.72 4.67 15.52
N THR C 37 21.18 5.93 15.36
CA THR C 37 20.71 7.11 16.07
C THR C 37 20.52 8.28 15.11
N ASN C 38 19.85 9.33 15.59
CA ASN C 38 19.75 10.59 14.85
C ASN C 38 21.15 11.14 14.57
N SER C 39 22.08 10.91 15.50
CA SER C 39 23.47 11.40 15.31
C SER C 39 24.08 10.74 14.07
N MET C 40 24.03 9.41 14.00
CA MET C 40 24.59 8.68 12.83
C MET C 40 23.95 9.24 11.56
N ARG C 41 22.61 9.37 11.55
CA ARG C 41 21.91 9.94 10.37
C ARG C 41 22.49 11.33 10.06
N ALA C 42 22.52 12.23 11.07
CA ALA C 42 23.08 13.57 10.85
C ALA C 42 24.40 13.46 10.09
N ILE C 43 25.32 12.64 10.61
CA ILE C 43 26.64 12.44 9.96
C ILE C 43 26.41 11.95 8.52
N LEU C 44 25.61 10.90 8.35
CA LEU C 44 25.45 10.33 7.02
C LEU C 44 24.98 11.41 6.04
N VAL C 45 23.99 12.18 6.50
CA VAL C 45 23.42 13.21 5.66
C VAL C 45 24.46 14.29 5.36
N ASP C 46 25.27 14.63 6.38
CA ASP C 46 26.25 15.70 6.22
C ASP C 46 27.28 15.27 5.19
N TRP C 47 27.64 13.97 5.20
CA TRP C 47 28.55 13.39 4.22
C TRP C 47 27.97 13.43 2.79
N LEU C 48 26.67 13.17 2.67
CA LEU C 48 25.99 13.19 1.37
C LEU C 48 25.99 14.61 0.82
N VAL C 49 26.04 15.61 1.71
CA VAL C 49 26.10 16.99 1.28
C VAL C 49 27.47 17.24 0.66
N GLU C 50 28.52 16.80 1.38
CA GLU C 50 29.88 16.84 0.88
C GLU C 50 29.98 16.11 -0.45
N VAL C 51 29.38 14.91 -0.58
CA VAL C 51 29.50 14.15 -1.81
C VAL C 51 28.87 14.88 -2.98
N GLY C 52 27.68 15.46 -2.75
CA GLY C 52 26.99 16.28 -3.74
C GLY C 52 27.79 17.50 -4.18
N GLU C 53 28.60 18.11 -3.29
CA GLU C 53 29.42 19.25 -3.67
C GLU C 53 30.69 18.79 -4.39
N GLU C 54 31.25 17.65 -3.96
CA GLU C 54 32.37 17.05 -4.66
C GLU C 54 31.97 16.81 -6.11
N TYR C 55 30.83 16.14 -6.33
CA TYR C 55 30.47 15.66 -7.67
C TYR C 55 29.60 16.65 -8.42
N LYS C 56 29.32 17.81 -7.80
CA LYS C 56 28.55 18.89 -8.43
C LYS C 56 27.17 18.36 -8.82
N LEU C 57 26.51 17.67 -7.89
CA LEU C 57 25.17 17.15 -8.10
C LEU C 57 24.18 18.24 -7.74
N GLN C 58 22.95 18.09 -8.25
CA GLN C 58 21.89 19.02 -7.96
C GLN C 58 21.55 18.90 -6.48
N ASN C 59 20.93 19.96 -5.93
CA ASN C 59 20.41 19.91 -4.57
C ASN C 59 19.18 18.99 -4.52
N GLU C 60 18.43 18.91 -5.62
CA GLU C 60 17.25 18.05 -5.68
C GLU C 60 17.66 16.60 -5.42
N THR C 61 18.83 16.22 -5.94
CA THR C 61 19.32 14.85 -5.86
C THR C 61 19.56 14.50 -4.38
N LEU C 62 20.25 15.41 -3.68
CA LEU C 62 20.53 15.31 -2.26
C LEU C 62 19.23 15.06 -1.49
N HIS C 63 18.24 15.95 -1.69
CA HIS C 63 16.91 15.83 -1.09
C HIS C 63 16.22 14.48 -1.36
N LEU C 64 16.29 13.99 -2.62
CA LEU C 64 15.67 12.72 -2.94
C LEU C 64 16.34 11.63 -2.10
N ALA C 65 17.66 11.71 -2.01
CA ALA C 65 18.44 10.63 -1.43
C ALA C 65 18.01 10.46 0.03
N VAL C 66 17.90 11.59 0.73
CA VAL C 66 17.50 11.58 2.12
C VAL C 66 16.08 11.01 2.24
N ASN C 67 15.18 11.39 1.32
CA ASN C 67 13.83 10.83 1.27
C ASN C 67 13.93 9.31 1.22
N TYR C 68 14.82 8.80 0.34
CA TYR C 68 14.97 7.37 0.17
C TYR C 68 15.48 6.72 1.44
N ILE C 69 16.52 7.33 2.03
CA ILE C 69 17.17 6.80 3.24
C ILE C 69 16.12 6.67 4.34
N ASP C 70 15.37 7.75 4.58
CA ASP C 70 14.42 7.81 5.67
C ASP C 70 13.26 6.82 5.44
N ARG C 71 12.78 6.69 4.21
CA ARG C 71 11.73 5.72 3.96
C ARG C 71 12.27 4.30 4.13
N PHE C 72 13.51 4.08 3.69
CA PHE C 72 14.13 2.77 3.79
C PHE C 72 14.24 2.40 5.26
N LEU C 73 14.77 3.34 6.04
CA LEU C 73 15.05 3.12 7.45
C LEU C 73 13.76 2.99 8.24
N SER C 74 12.61 3.34 7.63
CA SER C 74 11.32 3.19 8.28
C SER C 74 10.83 1.73 8.29
N SER C 75 11.25 0.90 7.31
CA SER C 75 10.87 -0.52 7.33
C SER C 75 12.04 -1.49 7.59
N MET C 76 13.30 -1.02 7.52
CA MET C 76 14.44 -1.93 7.50
C MET C 76 15.44 -1.54 8.59
N SER C 77 15.72 -2.52 9.46
CA SER C 77 16.75 -2.39 10.48
C SER C 77 18.11 -2.47 9.81
N VAL C 78 19.00 -1.55 10.21
CA VAL C 78 20.36 -1.53 9.68
C VAL C 78 21.39 -1.37 10.80
N LEU C 79 22.39 -2.27 10.81
CA LEU C 79 23.57 -2.15 11.64
C LEU C 79 24.33 -0.88 11.24
N ARG C 80 24.97 -0.23 12.22
CA ARG C 80 25.68 1.03 11.97
C ARG C 80 26.73 0.83 10.88
N GLY C 81 27.34 -0.37 10.82
CA GLY C 81 28.32 -0.71 9.78
C GLY C 81 27.77 -0.71 8.35
N LYS C 82 26.43 -0.61 8.18
CA LYS C 82 25.83 -0.73 6.86
C LYS C 82 25.08 0.54 6.50
N LEU C 83 24.96 1.48 7.44
CA LEU C 83 24.21 2.71 7.24
C LEU C 83 24.71 3.46 6.01
N GLN C 84 26.04 3.47 5.80
CA GLN C 84 26.67 4.18 4.70
C GLN C 84 26.37 3.46 3.38
N LEU C 85 26.19 2.15 3.44
CA LEU C 85 25.93 1.40 2.21
C LEU C 85 24.55 1.77 1.70
N VAL C 86 23.61 1.90 2.63
CA VAL C 86 22.27 2.36 2.32
C VAL C 86 22.34 3.73 1.68
N GLY C 87 22.96 4.67 2.40
CA GLY C 87 23.07 6.04 1.95
C GLY C 87 23.76 6.17 0.58
N THR C 88 24.85 5.41 0.35
CA THR C 88 25.50 5.40 -0.94
C THR C 88 24.51 4.99 -2.02
N ALA C 89 23.77 3.90 -1.79
CA ALA C 89 22.83 3.39 -2.78
C ALA C 89 21.70 4.39 -3.04
N ALA C 90 21.31 5.10 -1.97
CA ALA C 90 20.27 6.09 -2.11
C ALA C 90 20.73 7.19 -3.09
N MET C 91 21.97 7.66 -2.86
CA MET C 91 22.59 8.73 -3.63
C MET C 91 22.73 8.33 -5.10
N LEU C 92 23.05 7.06 -5.36
CA LEU C 92 23.12 6.53 -6.72
C LEU C 92 21.74 6.48 -7.37
N LEU C 93 20.71 6.08 -6.60
CA LEU C 93 19.39 6.02 -7.18
C LEU C 93 18.90 7.43 -7.51
N ALA C 94 19.07 8.34 -6.54
CA ALA C 94 18.66 9.71 -6.73
C ALA C 94 19.39 10.32 -7.93
N SER C 95 20.70 10.05 -8.07
CA SER C 95 21.48 10.55 -9.18
C SER C 95 20.95 10.00 -10.51
N LYS C 96 20.76 8.66 -10.61
CA LYS C 96 20.22 8.14 -11.87
C LYS C 96 18.85 8.74 -12.17
N PHE C 97 18.11 9.15 -11.13
CA PHE C 97 16.77 9.63 -11.37
C PHE C 97 16.78 11.08 -11.85
N GLU C 98 17.59 11.88 -11.17
CA GLU C 98 17.50 13.33 -11.26
C GLU C 98 18.63 13.95 -12.10
N GLU C 99 19.80 13.30 -12.22
CA GLU C 99 20.91 13.94 -12.89
C GLU C 99 20.94 13.64 -14.39
N ILE C 100 21.38 14.66 -15.17
CA ILE C 100 21.71 14.52 -16.57
C ILE C 100 22.88 13.57 -16.68
N TYR C 101 23.97 13.86 -15.93
CA TYR C 101 25.18 13.03 -15.91
C TYR C 101 25.39 12.47 -14.50
N PRO C 102 24.75 11.33 -14.14
CA PRO C 102 24.97 10.75 -12.80
C PRO C 102 26.40 10.26 -12.80
N PRO C 103 27.08 10.16 -11.62
CA PRO C 103 28.38 9.50 -11.57
C PRO C 103 28.22 7.99 -11.79
N GLU C 104 29.32 7.37 -12.20
CA GLU C 104 29.33 5.93 -12.37
C GLU C 104 29.28 5.26 -11.00
N VAL C 105 28.81 4.01 -11.00
CA VAL C 105 28.80 3.21 -9.79
C VAL C 105 30.21 3.23 -9.20
N ALA C 106 31.23 3.05 -10.06
CA ALA C 106 32.62 3.01 -9.60
C ALA C 106 32.94 4.23 -8.72
N GLU C 107 32.36 5.39 -9.05
CA GLU C 107 32.62 6.58 -8.27
C GLU C 107 31.90 6.48 -6.93
N PHE C 108 30.67 5.97 -6.95
CA PHE C 108 29.97 5.74 -5.70
C PHE C 108 30.75 4.79 -4.81
N VAL C 109 31.43 3.78 -5.39
CA VAL C 109 32.20 2.86 -4.58
C VAL C 109 33.41 3.60 -4.00
N TYR C 110 34.02 4.45 -4.83
CA TYR C 110 35.24 5.17 -4.50
C TYR C 110 35.04 6.10 -3.31
N ILE C 111 33.84 6.69 -3.15
CA ILE C 111 33.64 7.68 -2.11
C ILE C 111 33.46 7.00 -0.75
N THR C 112 33.39 5.67 -0.73
CA THR C 112 33.25 4.93 0.51
C THR C 112 34.61 4.45 1.02
N ASP C 113 35.71 4.92 0.43
CA ASP C 113 37.06 4.43 0.72
C ASP C 113 37.11 2.91 0.64
N ASP C 114 36.38 2.34 -0.32
CA ASP C 114 36.30 0.88 -0.51
C ASP C 114 35.93 0.16 0.79
N THR C 115 35.09 0.79 1.62
CA THR C 115 34.38 0.11 2.69
C THR C 115 33.47 -0.94 2.06
N TYR C 116 33.00 -0.65 0.85
CA TYR C 116 32.11 -1.56 0.15
C TYR C 116 32.65 -1.82 -1.25
N THR C 117 32.11 -2.87 -1.85
CA THR C 117 32.44 -3.30 -3.20
C THR C 117 31.34 -2.85 -4.15
N LYS C 118 31.62 -2.99 -5.45
CA LYS C 118 30.67 -2.73 -6.50
C LYS C 118 29.46 -3.64 -6.33
N LYS C 119 29.68 -4.92 -5.98
CA LYS C 119 28.59 -5.86 -5.78
C LYS C 119 27.66 -5.42 -4.66
N GLN C 120 28.26 -5.04 -3.52
CA GLN C 120 27.48 -4.55 -2.39
C GLN C 120 26.58 -3.37 -2.77
N VAL C 121 27.14 -2.40 -3.51
CA VAL C 121 26.40 -1.20 -3.84
C VAL C 121 25.26 -1.57 -4.77
N LEU C 122 25.55 -2.41 -5.76
CA LEU C 122 24.53 -2.79 -6.73
C LEU C 122 23.42 -3.59 -6.04
N ARG C 123 23.79 -4.51 -5.14
CA ARG C 123 22.79 -5.37 -4.47
C ARG C 123 21.95 -4.50 -3.53
N MET C 124 22.55 -3.49 -2.90
CA MET C 124 21.77 -2.56 -2.04
C MET C 124 20.82 -1.73 -2.90
N GLU C 125 21.22 -1.38 -4.13
CA GLU C 125 20.33 -0.60 -5.03
C GLU C 125 19.04 -1.38 -5.26
N HIS C 126 19.15 -2.67 -5.58
CA HIS C 126 17.95 -3.50 -5.82
C HIS C 126 17.08 -3.52 -4.57
N LEU C 127 17.72 -3.66 -3.41
CA LEU C 127 16.95 -3.76 -2.14
C LEU C 127 16.17 -2.46 -1.90
N VAL C 128 16.83 -1.32 -2.01
CA VAL C 128 16.14 -0.02 -1.84
C VAL C 128 15.06 0.09 -2.93
N LEU C 129 15.29 -0.46 -4.11
CA LEU C 129 14.26 -0.39 -5.12
C LEU C 129 13.07 -1.25 -4.68
N LYS C 130 13.36 -2.44 -4.14
CA LYS C 130 12.34 -3.36 -3.66
C LYS C 130 11.59 -2.72 -2.49
N VAL C 131 12.32 -2.10 -1.57
CA VAL C 131 11.66 -1.59 -0.39
C VAL C 131 10.81 -0.36 -0.73
N LEU C 132 11.27 0.47 -1.68
CA LEU C 132 10.55 1.66 -2.05
C LEU C 132 9.48 1.31 -3.07
N ALA C 133 9.51 0.07 -3.57
CA ALA C 133 8.70 -0.38 -4.71
C ALA C 133 8.78 0.62 -5.86
N PHE C 134 9.96 1.23 -6.05
CA PHE C 134 10.25 2.13 -7.16
C PHE C 134 9.48 3.44 -7.02
N ASP C 135 9.00 3.81 -5.84
CA ASP C 135 8.35 5.12 -5.69
C ASP C 135 9.41 6.17 -5.44
N LEU C 136 10.09 6.55 -6.54
CA LEU C 136 11.28 7.39 -6.47
C LEU C 136 10.94 8.85 -6.75
N ALA C 137 9.75 9.13 -7.27
CA ALA C 137 9.42 10.50 -7.63
C ALA C 137 8.81 11.22 -6.42
N ALA C 138 9.57 11.27 -5.34
CA ALA C 138 9.10 11.85 -4.09
C ALA C 138 9.11 13.37 -4.17
N PRO C 139 8.05 14.06 -3.74
CA PRO C 139 8.11 15.51 -3.49
C PRO C 139 9.22 15.82 -2.49
N THR C 140 10.02 16.85 -2.81
CA THR C 140 11.07 17.36 -1.95
C THR C 140 10.74 18.79 -1.50
N ILE C 141 11.50 19.27 -0.50
CA ILE C 141 11.39 20.66 -0.08
C ILE C 141 11.67 21.58 -1.26
N ASN C 142 12.61 21.19 -2.14
CA ASN C 142 13.00 22.11 -3.21
C ASN C 142 11.83 22.32 -4.18
N GLN C 143 11.02 21.27 -4.38
CA GLN C 143 9.97 21.33 -5.39
C GLN C 143 8.89 22.29 -4.94
N PHE C 144 8.69 22.38 -3.62
CA PHE C 144 7.79 23.38 -3.08
C PHE C 144 8.44 24.76 -3.06
N LEU C 145 9.68 24.82 -2.58
CA LEU C 145 10.41 26.07 -2.48
C LEU C 145 10.39 26.80 -3.82
N THR C 146 10.72 26.10 -4.91
CA THR C 146 10.89 26.77 -6.19
C THR C 146 9.57 27.39 -6.61
N GLN C 147 8.47 26.73 -6.29
CA GLN C 147 7.15 27.29 -6.57
C GLN C 147 6.86 28.49 -5.67
N TYR C 148 7.13 28.35 -4.37
CA TYR C 148 6.82 29.45 -3.47
C TYR C 148 7.60 30.67 -3.95
N PHE C 149 8.75 30.42 -4.59
CA PHE C 149 9.64 31.48 -5.03
C PHE C 149 8.93 32.39 -6.03
N LEU C 150 8.06 31.84 -6.90
CA LEU C 150 7.36 32.66 -7.89
C LEU C 150 6.41 33.66 -7.22
N HIS C 151 6.26 33.63 -5.89
CA HIS C 151 5.38 34.57 -5.23
C HIS C 151 6.18 35.73 -4.64
N GLN C 152 7.39 36.00 -5.14
CA GLN C 152 8.18 37.09 -4.60
C GLN C 152 7.95 38.34 -5.45
N GLN C 153 7.90 39.50 -4.76
CA GLN C 153 7.60 40.80 -5.34
C GLN C 153 8.76 41.76 -5.05
N PRO C 154 9.85 41.83 -5.86
CA PRO C 154 10.19 40.85 -6.92
C PRO C 154 11.19 39.78 -6.46
N ALA C 155 11.70 38.99 -7.41
CA ALA C 155 12.63 37.92 -7.06
C ALA C 155 13.84 38.50 -6.31
N ASN C 156 14.30 37.77 -5.29
CA ASN C 156 15.51 38.14 -4.58
C ASN C 156 16.35 36.88 -4.42
N CYS C 157 17.57 36.87 -4.98
N CYS C 157 17.57 36.89 -4.99
CA CYS C 157 18.40 35.68 -5.01
CA CYS C 157 18.48 35.76 -5.02
C CYS C 157 18.93 35.33 -3.61
C CYS C 157 18.91 35.35 -3.62
N LYS C 158 19.15 36.36 -2.77
CA LYS C 158 19.54 36.16 -1.39
C LYS C 158 18.43 35.42 -0.63
N VAL C 159 17.16 35.82 -0.83
CA VAL C 159 16.04 35.11 -0.22
C VAL C 159 16.04 33.66 -0.71
N GLU C 160 16.14 33.46 -2.03
CA GLU C 160 16.04 32.13 -2.61
C GLU C 160 17.13 31.24 -2.03
N SER C 161 18.37 31.72 -2.04
CA SER C 161 19.50 30.91 -1.60
C SER C 161 19.37 30.60 -0.11
N LEU C 162 18.97 31.59 0.70
CA LEU C 162 18.86 31.39 2.14
C LEU C 162 17.75 30.37 2.45
N ALA C 163 16.69 30.35 1.65
CA ALA C 163 15.63 29.37 1.89
C ALA C 163 16.14 27.96 1.61
N MET C 164 16.87 27.79 0.50
CA MET C 164 17.50 26.52 0.14
C MET C 164 18.36 26.01 1.30
N PHE C 165 19.22 26.90 1.81
CA PHE C 165 20.12 26.64 2.92
C PHE C 165 19.36 26.13 4.13
N LEU C 166 18.32 26.88 4.54
CA LEU C 166 17.57 26.56 5.75
C LEU C 166 16.92 25.18 5.60
N GLY C 167 16.30 24.97 4.43
CA GLY C 167 15.74 23.69 4.05
C GLY C 167 16.79 22.58 4.13
N GLU C 168 17.99 22.83 3.61
CA GLU C 168 19.01 21.78 3.66
C GLU C 168 19.37 21.46 5.11
N LEU C 169 19.39 22.49 5.98
CA LEU C 169 19.69 22.23 7.38
C LEU C 169 18.68 21.24 7.98
N SER C 170 17.41 21.31 7.58
CA SER C 170 16.38 20.47 8.16
C SER C 170 16.64 18.97 7.90
N LEU C 171 17.24 18.64 6.74
CA LEU C 171 17.55 17.27 6.39
C LEU C 171 18.48 16.61 7.43
N ILE C 172 19.27 17.43 8.12
CA ILE C 172 20.28 16.87 9.06
C ILE C 172 19.58 16.43 10.36
N ASP C 173 18.62 17.19 10.86
CA ASP C 173 18.06 16.81 12.17
C ASP C 173 16.70 16.12 12.03
N ALA C 174 16.77 14.55 12.07
CA ALA C 174 15.53 13.79 12.04
C ALA C 174 14.59 14.27 13.14
N ASP C 175 15.15 14.51 14.33
CA ASP C 175 14.44 15.20 15.38
C ASP C 175 14.83 16.67 15.35
N PRO C 176 13.91 17.62 15.04
CA PRO C 176 12.47 17.32 14.89
C PRO C 176 11.88 17.14 13.49
N TYR C 177 12.66 17.40 12.44
CA TYR C 177 12.08 17.70 11.13
C TYR C 177 11.37 16.54 10.44
N LEU C 178 11.33 15.19 10.97
CA LEU C 178 10.62 14.03 10.40
C LEU C 178 9.12 14.16 10.69
N LYS C 179 8.74 15.11 11.56
CA LYS C 179 7.32 15.31 11.94
C LYS C 179 6.71 16.36 11.04
N TYR C 180 7.50 16.89 10.13
CA TYR C 180 7.08 17.98 9.22
C TYR C 180 7.14 17.50 7.78
N LEU C 181 6.13 17.85 6.97
CA LEU C 181 6.15 17.49 5.56
C LEU C 181 7.07 18.46 4.85
N PRO C 182 7.58 18.09 3.67
CA PRO C 182 8.34 19.03 2.85
C PRO C 182 7.65 20.35 2.60
N SER C 183 6.35 20.32 2.32
CA SER C 183 5.64 21.54 1.94
C SER C 183 5.72 22.56 3.07
N VAL C 184 5.62 22.05 4.31
CA VAL C 184 5.59 22.85 5.52
C VAL C 184 6.98 23.39 5.85
N ILE C 185 8.02 22.55 5.80
CA ILE C 185 9.38 23.01 6.02
C ILE C 185 9.76 24.08 4.97
N ALA C 186 9.40 23.81 3.71
CA ALA C 186 9.72 24.75 2.66
C ALA C 186 9.12 26.11 2.97
N ALA C 187 7.94 26.10 3.59
CA ALA C 187 7.19 27.30 3.88
C ALA C 187 7.85 28.03 5.03
N ALA C 188 8.23 27.28 6.07
CA ALA C 188 8.88 27.92 7.19
C ALA C 188 10.15 28.59 6.68
N ALA C 189 10.92 27.84 5.88
CA ALA C 189 12.19 28.29 5.35
C ALA C 189 11.96 29.52 4.48
N PHE C 190 10.91 29.49 3.66
CA PHE C 190 10.67 30.62 2.78
C PHE C 190 10.43 31.85 3.62
N HIS C 191 9.50 31.75 4.58
CA HIS C 191 9.13 32.89 5.41
C HIS C 191 10.35 33.35 6.20
N LEU C 192 11.14 32.40 6.70
CA LEU C 192 12.27 32.79 7.54
C LEU C 192 13.33 33.52 6.71
N ALA C 193 13.53 33.08 5.46
CA ALA C 193 14.52 33.67 4.57
C ALA C 193 14.09 35.08 4.21
N LEU C 194 12.82 35.18 3.84
CA LEU C 194 12.19 36.42 3.46
C LEU C 194 12.30 37.44 4.59
N TYR C 195 11.92 37.00 5.79
CA TYR C 195 11.98 37.89 6.95
C TYR C 195 13.43 38.38 7.15
N THR C 196 14.37 37.43 7.26
CA THR C 196 15.76 37.71 7.57
C THR C 196 16.32 38.71 6.59
N VAL C 197 16.01 38.56 5.30
CA VAL C 197 16.66 39.37 4.28
C VAL C 197 15.94 40.68 4.05
N THR C 198 14.60 40.68 4.05
CA THR C 198 13.82 41.84 3.62
C THR C 198 12.88 42.37 4.70
N GLY C 199 12.69 41.61 5.78
CA GLY C 199 11.70 42.01 6.78
C GLY C 199 10.28 41.61 6.39
N GLN C 200 10.06 41.12 5.17
CA GLN C 200 8.71 40.78 4.75
C GLN C 200 8.30 39.44 5.35
N SER C 201 7.03 39.08 5.20
CA SER C 201 6.49 37.86 5.76
C SER C 201 5.84 37.03 4.67
N TRP C 202 5.58 35.77 5.04
CA TRP C 202 4.72 34.83 4.32
C TRP C 202 3.59 35.58 3.67
N PRO C 203 3.59 35.63 2.32
CA PRO C 203 2.57 36.37 1.56
C PRO C 203 1.18 35.73 1.48
N GLU C 204 0.17 36.60 1.39
CA GLU C 204 -1.22 36.20 1.29
C GLU C 204 -1.45 35.27 0.09
N SER C 205 -0.76 35.55 -1.03
CA SER C 205 -0.86 34.79 -2.27
C SER C 205 -0.48 33.33 -2.02
N LEU C 206 0.46 33.09 -1.08
CA LEU C 206 0.90 31.75 -0.77
C LEU C 206 -0.02 31.10 0.26
N VAL C 207 -0.74 31.92 1.02
CA VAL C 207 -1.80 31.46 1.90
C VAL C 207 -2.95 31.01 0.99
N GLN C 208 -3.17 31.75 -0.10
CA GLN C 208 -4.10 31.34 -1.14
C GLN C 208 -3.68 29.95 -1.66
N LYS C 209 -2.42 29.83 -2.11
CA LYS C 209 -1.98 28.63 -2.79
C LYS C 209 -1.91 27.43 -1.84
N THR C 210 -1.52 27.65 -0.58
CA THR C 210 -1.12 26.53 0.27
C THR C 210 -2.18 26.21 1.32
N GLY C 211 -2.96 27.20 1.71
CA GLY C 211 -3.78 27.09 2.90
C GLY C 211 -3.01 27.25 4.22
N TYR C 212 -1.70 27.48 4.15
CA TYR C 212 -0.90 27.63 5.37
C TYR C 212 -0.84 29.10 5.77
N THR C 213 -0.86 29.33 7.09
CA THR C 213 -0.64 30.65 7.65
C THR C 213 0.55 30.63 8.59
N LEU C 214 0.96 31.82 9.03
CA LEU C 214 1.97 31.91 10.07
C LEU C 214 1.51 31.15 11.29
N GLU C 215 0.19 31.03 11.46
CA GLU C 215 -0.34 30.24 12.57
C GLU C 215 0.00 28.75 12.39
N THR C 216 -0.22 28.20 11.18
CA THR C 216 -0.08 26.77 11.02
C THR C 216 1.40 26.39 10.92
N LEU C 217 2.23 27.30 10.40
CA LEU C 217 3.67 27.13 10.29
C LEU C 217 4.40 27.37 11.62
N LYS C 218 3.79 28.10 12.56
CA LYS C 218 4.46 28.51 13.79
C LYS C 218 5.32 27.41 14.42
N PRO C 219 4.83 26.18 14.66
CA PRO C 219 5.68 25.15 15.28
C PRO C 219 7.01 24.91 14.57
N CYS C 220 6.93 24.67 13.26
CA CYS C 220 8.06 24.34 12.40
C CYS C 220 9.00 25.55 12.31
N LEU C 221 8.39 26.73 12.31
CA LEU C 221 9.12 27.98 12.26
C LEU C 221 9.98 28.17 13.51
N LEU C 222 9.39 27.88 14.69
CA LEU C 222 10.13 27.97 15.94
C LEU C 222 11.31 27.00 15.94
N ASP C 223 11.14 25.81 15.35
CA ASP C 223 12.25 24.85 15.31
C ASP C 223 13.32 25.32 14.31
N LEU C 224 12.90 25.84 13.16
CA LEU C 224 13.88 26.24 12.13
C LEU C 224 14.67 27.47 12.62
N HIS C 225 13.99 28.42 13.26
CA HIS C 225 14.64 29.64 13.78
C HIS C 225 15.74 29.25 14.75
N GLN C 226 15.48 28.24 15.58
CA GLN C 226 16.50 27.74 16.53
C GLN C 226 17.63 27.10 15.72
N THR C 227 17.29 26.21 14.81
CA THR C 227 18.32 25.52 14.02
C THR C 227 19.17 26.55 13.33
N TYR C 228 18.56 27.57 12.74
CA TYR C 228 19.32 28.65 12.13
C TYR C 228 20.25 29.35 13.13
N LEU C 229 19.76 29.60 14.35
CA LEU C 229 20.58 30.29 15.37
C LEU C 229 21.70 29.36 15.87
N ARG C 230 21.46 28.06 15.94
CA ARG C 230 22.46 27.11 16.50
C ARG C 230 23.36 26.54 15.40
N ALA C 231 23.08 26.89 14.15
CA ALA C 231 23.85 26.31 13.02
C ALA C 231 25.36 26.41 13.26
N PRO C 232 25.96 27.59 13.51
CA PRO C 232 27.41 27.66 13.68
C PRO C 232 27.97 26.71 14.72
N GLN C 233 27.11 26.22 15.62
CA GLN C 233 27.51 25.36 16.72
C GLN C 233 27.35 23.88 16.36
N HIS C 234 26.45 23.55 15.43
CA HIS C 234 26.10 22.16 15.14
C HIS C 234 27.38 21.38 14.83
N ALA C 235 27.39 20.11 15.23
CA ALA C 235 28.46 19.17 14.96
C ALA C 235 28.70 18.98 13.45
N GLN C 236 27.66 19.14 12.62
CA GLN C 236 27.80 19.03 11.18
C GLN C 236 27.84 20.41 10.55
N GLN C 237 28.82 20.64 9.65
CA GLN C 237 29.12 21.97 9.14
C GLN C 237 29.19 22.02 7.60
N SER C 238 28.99 20.87 6.95
CA SER C 238 29.10 20.79 5.50
C SER C 238 28.13 21.70 4.74
N ILE C 239 26.89 21.84 5.21
CA ILE C 239 25.92 22.71 4.54
C ILE C 239 26.35 24.18 4.68
N ARG C 240 26.80 24.60 5.86
CA ARG C 240 27.22 25.98 6.04
C ARG C 240 28.42 26.30 5.16
N GLU C 241 29.39 25.37 5.10
CA GLU C 241 30.55 25.56 4.24
C GLU C 241 30.06 25.72 2.81
N LYS C 242 29.14 24.84 2.40
CA LYS C 242 28.59 24.82 1.06
C LYS C 242 27.99 26.19 0.76
N TYR C 243 27.24 26.72 1.72
CA TYR C 243 26.53 27.95 1.45
C TYR C 243 27.39 29.19 1.71
N LYS C 244 28.70 29.04 1.97
CA LYS C 244 29.62 30.18 2.00
C LYS C 244 29.92 30.59 0.57
N ASN C 245 29.64 29.66 -0.35
CA ASN C 245 30.01 29.78 -1.74
C ASN C 245 29.15 30.83 -2.44
N SER C 246 29.73 31.47 -3.46
CA SER C 246 29.14 32.60 -4.15
C SER C 246 28.01 32.13 -5.06
N LYS C 247 28.12 30.89 -5.55
CA LYS C 247 27.03 30.20 -6.20
C LYS C 247 25.73 30.43 -5.43
N TYR C 248 25.82 30.37 -4.10
CA TYR C 248 24.66 30.51 -3.23
C TYR C 248 24.74 31.84 -2.50
N HIS C 249 25.40 32.82 -3.11
CA HIS C 249 25.35 34.19 -2.62
C HIS C 249 25.86 34.31 -1.19
N GLY C 250 26.61 33.30 -0.74
CA GLY C 250 27.28 33.31 0.55
C GLY C 250 26.31 33.49 1.72
N VAL C 251 25.10 32.93 1.60
CA VAL C 251 24.04 33.21 2.55
C VAL C 251 24.30 32.64 3.95
N SER C 252 25.22 31.66 4.09
CA SER C 252 25.45 31.10 5.41
C SER C 252 26.19 32.08 6.29
N LEU C 253 26.45 33.28 5.76
CA LEU C 253 27.20 34.32 6.45
C LEU C 253 26.26 35.42 6.93
N LEU C 254 24.99 35.41 6.47
CA LEU C 254 23.96 36.33 6.95
C LEU C 254 23.62 35.97 8.38
N ASN C 255 23.55 36.99 9.25
CA ASN C 255 23.19 36.79 10.64
C ASN C 255 21.71 36.50 10.77
N PRO C 256 21.34 35.38 11.45
CA PRO C 256 19.93 35.09 11.68
C PRO C 256 19.32 36.21 12.53
N PRO C 257 17.97 36.39 12.49
CA PRO C 257 17.33 37.39 13.34
C PRO C 257 17.20 36.87 14.78
N GLU C 258 17.28 37.76 15.77
CA GLU C 258 17.23 37.35 17.16
C GLU C 258 15.84 36.86 17.53
N THR C 259 14.82 37.53 16.98
CA THR C 259 13.40 37.24 17.26
C THR C 259 12.66 37.11 15.95
N LEU C 260 11.37 36.78 16.01
CA LEU C 260 10.60 36.51 14.78
C LEU C 260 9.30 37.34 14.65
N ASN C 261 8.84 37.98 15.73
CA ASN C 261 7.55 38.75 15.73
C ASN C 261 6.37 37.79 15.55
N VAL C 262 6.45 36.57 16.07
CA VAL C 262 5.39 35.58 15.76
C VAL C 262 4.77 35.05 17.05
N SER D 4 15.93 -14.29 -4.51
CA SER D 4 14.81 -14.04 -3.56
C SER D 4 15.36 -14.01 -2.13
N MET D 5 16.09 -15.10 -1.82
CA MET D 5 16.68 -15.31 -0.51
C MET D 5 18.18 -15.08 -0.62
N GLU D 6 18.63 -14.51 -1.73
CA GLU D 6 20.05 -14.30 -1.93
C GLU D 6 20.68 -13.39 -0.88
N ASN D 7 19.90 -12.55 -0.17
CA ASN D 7 20.50 -11.63 0.79
C ASN D 7 20.53 -12.20 2.20
N PHE D 8 19.80 -13.30 2.43
CA PHE D 8 19.84 -14.00 3.70
C PHE D 8 20.96 -15.04 3.74
N GLN D 9 21.81 -14.98 4.78
CA GLN D 9 22.78 -16.02 5.09
C GLN D 9 22.28 -16.82 6.28
N LYS D 10 22.10 -18.14 6.13
CA LYS D 10 21.68 -19.00 7.23
C LYS D 10 22.77 -19.00 8.30
N VAL D 11 22.37 -18.90 9.57
CA VAL D 11 23.30 -19.01 10.67
C VAL D 11 23.15 -20.39 11.32
N GLU D 12 22.05 -20.63 12.04
CA GLU D 12 21.85 -21.89 12.71
C GLU D 12 20.35 -22.19 12.72
N LYS D 13 19.99 -23.47 13.00
CA LYS D 13 18.62 -23.87 13.24
C LYS D 13 18.21 -23.46 14.66
N ILE D 14 16.97 -22.94 14.82
CA ILE D 14 16.58 -22.37 16.11
C ILE D 14 15.26 -22.97 16.60
N GLY D 15 14.70 -23.86 15.81
CA GLY D 15 13.42 -24.39 16.23
C GLY D 15 12.85 -25.20 15.10
N GLU D 16 11.72 -25.83 15.34
CA GLU D 16 11.02 -26.64 14.31
C GLU D 16 9.60 -26.78 14.82
N GLY D 17 8.64 -26.23 14.09
CA GLY D 17 7.26 -26.24 14.60
C GLY D 17 6.29 -26.62 13.51
N THR D 18 5.08 -26.04 13.55
CA THR D 18 4.05 -26.41 12.57
C THR D 18 4.67 -26.55 11.21
N TYR D 19 5.34 -25.50 10.74
CA TYR D 19 5.85 -25.56 9.34
C TYR D 19 7.35 -25.79 9.33
N GLY D 20 7.75 -27.00 8.97
CA GLY D 20 9.18 -27.30 8.82
C GLY D 20 10.09 -26.76 9.90
N VAL D 21 11.21 -26.17 9.49
CA VAL D 21 12.24 -25.73 10.48
C VAL D 21 12.35 -24.20 10.50
N VAL D 22 12.70 -23.63 11.65
CA VAL D 22 12.92 -22.17 11.75
C VAL D 22 14.43 -21.96 11.89
N TYR D 23 14.98 -21.02 11.14
CA TYR D 23 16.45 -20.82 11.16
C TYR D 23 16.74 -19.38 11.48
N LYS D 24 17.85 -19.16 12.20
CA LYS D 24 18.30 -17.78 12.44
C LYS D 24 19.12 -17.40 11.21
N ALA D 25 18.96 -16.17 10.75
CA ALA D 25 19.66 -15.77 9.54
C ALA D 25 20.01 -14.30 9.63
N ARG D 26 20.88 -13.87 8.72
CA ARG D 26 21.46 -12.55 8.77
C ARG D 26 21.26 -11.91 7.39
N ASN D 27 20.62 -10.73 7.37
CA ASN D 27 20.56 -9.93 6.16
C ASN D 27 21.98 -9.52 5.76
N LYS D 28 22.44 -9.96 4.59
CA LYS D 28 23.80 -9.72 4.18
C LYS D 28 24.03 -8.24 3.95
N LEU D 29 22.98 -7.52 3.56
CA LEU D 29 23.15 -6.13 3.16
C LEU D 29 22.89 -5.18 4.34
N THR D 30 21.94 -5.51 5.22
CA THR D 30 21.54 -4.58 6.26
C THR D 30 22.17 -4.95 7.61
N GLY D 31 22.59 -6.20 7.79
CA GLY D 31 23.09 -6.67 9.08
C GLY D 31 21.98 -7.11 10.02
N GLU D 32 20.71 -7.01 9.59
CA GLU D 32 19.62 -7.44 10.45
C GLU D 32 19.65 -8.95 10.63
N VAL D 33 19.48 -9.37 11.88
CA VAL D 33 19.29 -10.77 12.22
C VAL D 33 17.79 -11.03 12.27
N VAL D 34 17.40 -12.20 11.75
CA VAL D 34 15.99 -12.54 11.57
C VAL D 34 15.77 -14.02 11.88
N ALA D 35 14.50 -14.40 12.08
CA ALA D 35 14.13 -15.79 12.08
C ALA D 35 13.36 -16.09 10.79
N LEU D 36 13.81 -17.05 9.98
CA LEU D 36 13.10 -17.44 8.76
C LEU D 36 12.33 -18.73 9.02
N LYS D 37 11.05 -18.73 8.64
CA LYS D 37 10.18 -19.90 8.70
C LYS D 37 9.93 -20.37 7.27
N LYS D 38 10.29 -21.60 6.95
CA LYS D 38 10.14 -22.10 5.59
C LYS D 38 8.91 -23.01 5.58
N ILE D 39 7.92 -22.66 4.76
CA ILE D 39 6.67 -23.39 4.62
C ILE D 39 6.62 -23.98 3.21
N ARG D 40 6.60 -25.32 3.09
CA ARG D 40 6.55 -25.97 1.79
C ARG D 40 5.12 -25.89 1.27
N LEU D 41 4.99 -25.50 0.01
CA LEU D 41 3.62 -25.34 -0.53
C LEU D 41 3.24 -26.61 -1.29
N ASP D 42 2.13 -27.24 -0.90
CA ASP D 42 1.66 -28.48 -1.59
C ASP D 42 1.11 -28.06 -2.95
N THR D 43 1.98 -27.89 -3.94
CA THR D 43 1.60 -27.32 -5.25
C THR D 43 0.72 -28.22 -6.08
N GLU D 44 0.61 -29.50 -5.75
CA GLU D 44 -0.16 -30.43 -6.60
C GLU D 44 -1.23 -31.08 -5.75
N THR D 45 -1.37 -30.63 -4.50
CA THR D 45 -2.28 -31.31 -3.59
C THR D 45 -3.14 -30.34 -2.81
N GLU D 46 -2.62 -29.72 -1.74
CA GLU D 46 -3.48 -28.89 -0.85
C GLU D 46 -3.17 -27.39 -0.92
N GLY D 47 -2.02 -27.01 -1.46
CA GLY D 47 -1.71 -25.58 -1.62
C GLY D 47 -1.15 -24.98 -0.37
N VAL D 48 -1.47 -23.70 -0.14
CA VAL D 48 -0.96 -22.98 1.06
C VAL D 48 -1.77 -23.45 2.28
N PRO D 49 -1.12 -23.97 3.33
CA PRO D 49 -1.85 -24.46 4.49
C PRO D 49 -2.66 -23.38 5.22
N SER D 50 -3.81 -23.79 5.75
CA SER D 50 -4.67 -22.84 6.43
C SER D 50 -3.90 -22.18 7.56
N THR D 51 -2.97 -22.91 8.19
CA THR D 51 -2.25 -22.35 9.33
C THR D 51 -1.55 -21.07 8.91
N ALA D 52 -0.95 -21.09 7.71
CA ALA D 52 -0.09 -20.00 7.30
C ALA D 52 -0.94 -18.82 6.82
N ILE D 53 -2.02 -19.12 6.10
CA ILE D 53 -2.99 -18.10 5.71
C ILE D 53 -3.41 -17.31 6.95
N ARG D 54 -3.74 -18.04 8.02
CA ARG D 54 -4.16 -17.40 9.24
C ARG D 54 -3.03 -16.62 9.89
N GLU D 55 -1.85 -17.21 10.08
CA GLU D 55 -0.73 -16.53 10.76
C GLU D 55 -0.34 -15.25 9.99
N ILE D 56 -0.06 -15.41 8.73
CA ILE D 56 0.36 -14.26 7.93
C ILE D 56 -0.70 -13.16 8.00
N SER D 57 -1.97 -13.49 7.74
CA SER D 57 -3.00 -12.46 7.58
C SER D 57 -3.23 -11.74 8.89
N LEU D 58 -3.18 -12.51 9.97
CA LEU D 58 -3.44 -11.96 11.29
C LEU D 58 -2.24 -11.16 11.79
N LEU D 59 -1.01 -11.66 11.60
CA LEU D 59 0.18 -10.90 11.97
C LEU D 59 0.33 -9.65 11.12
N LYS D 60 -0.20 -9.66 9.89
CA LYS D 60 -0.15 -8.44 9.09
C LYS D 60 -0.84 -7.31 9.85
N GLU D 61 -2.04 -7.58 10.35
CA GLU D 61 -2.81 -6.58 11.08
C GLU D 61 -2.16 -6.17 12.40
N LEU D 62 -1.56 -7.13 13.10
CA LEU D 62 -1.25 -6.95 14.52
C LEU D 62 0.12 -6.30 14.70
N ASN D 63 0.19 -4.97 14.83
CA ASN D 63 1.46 -4.29 14.97
C ASN D 63 1.58 -3.67 16.35
N HIS D 64 2.18 -4.41 17.28
CA HIS D 64 2.31 -4.00 18.67
C HIS D 64 3.67 -4.44 19.22
N PRO D 65 4.27 -3.67 20.14
CA PRO D 65 5.60 -3.99 20.66
C PRO D 65 5.74 -5.32 21.39
N ASN D 66 4.61 -5.97 21.71
CA ASN D 66 4.67 -7.24 22.43
C ASN D 66 4.06 -8.36 21.59
N ILE D 67 3.98 -8.16 20.27
CA ILE D 67 3.65 -9.22 19.35
C ILE D 67 4.78 -9.30 18.32
N VAL D 68 5.25 -10.53 18.05
CA VAL D 68 6.41 -10.72 17.18
C VAL D 68 6.11 -10.05 15.83
N LYS D 69 7.08 -9.33 15.24
CA LYS D 69 6.85 -8.63 13.98
C LYS D 69 7.14 -9.61 12.85
N LEU D 70 6.15 -9.74 11.97
CA LEU D 70 6.38 -10.34 10.66
C LEU D 70 6.93 -9.22 9.77
N LEU D 71 8.15 -9.39 9.27
CA LEU D 71 8.81 -8.33 8.52
C LEU D 71 8.52 -8.45 7.02
N ASP D 72 8.41 -9.70 6.51
CA ASP D 72 8.22 -9.90 5.08
C ASP D 72 7.66 -11.30 4.80
N VAL D 73 7.10 -11.48 3.61
CA VAL D 73 6.77 -12.80 3.12
C VAL D 73 7.32 -12.86 1.70
N ILE D 74 8.21 -13.83 1.47
CA ILE D 74 8.91 -13.97 0.22
C ILE D 74 8.37 -15.24 -0.42
N HIS D 75 7.85 -15.08 -1.64
CA HIS D 75 7.09 -16.12 -2.34
C HIS D 75 8.04 -16.77 -3.32
N THR D 76 7.86 -18.06 -3.56
CA THR D 76 8.37 -18.69 -4.76
C THR D 76 7.21 -19.48 -5.31
N GLU D 77 7.47 -20.25 -6.38
CA GLU D 77 6.46 -21.12 -6.93
C GLU D 77 6.13 -22.19 -5.90
N ASN D 78 7.16 -22.63 -5.14
CA ASN D 78 7.18 -23.90 -4.40
C ASN D 78 7.36 -23.75 -2.89
N LYS D 79 7.70 -22.55 -2.39
CA LYS D 79 7.97 -22.38 -0.96
C LYS D 79 7.49 -21.01 -0.54
N LEU D 80 7.14 -20.88 0.74
CA LEU D 80 6.92 -19.57 1.33
C LEU D 80 7.98 -19.34 2.42
N TYR D 81 8.72 -18.23 2.39
CA TYR D 81 9.55 -17.90 3.54
C TYR D 81 8.94 -16.73 4.29
N LEU D 82 8.72 -16.91 5.60
CA LEU D 82 8.27 -15.81 6.43
C LEU D 82 9.50 -15.24 7.13
N VAL D 83 9.68 -13.92 7.07
CA VAL D 83 10.83 -13.28 7.68
C VAL D 83 10.35 -12.61 8.96
N PHE D 84 10.85 -13.13 10.11
CA PHE D 84 10.48 -12.60 11.41
C PHE D 84 11.65 -11.85 12.05
N GLU D 85 11.33 -10.93 12.96
CA GLU D 85 12.38 -10.37 13.78
C GLU D 85 12.96 -11.53 14.59
N PHE D 86 14.25 -11.46 14.91
CA PHE D 86 14.85 -12.50 15.74
C PHE D 86 14.80 -12.06 17.18
N LEU D 87 14.28 -12.92 18.06
CA LEU D 87 14.38 -12.67 19.48
C LEU D 87 15.19 -13.79 20.12
N HIS D 88 15.94 -13.42 21.18
CA HIS D 88 17.00 -14.22 21.78
C HIS D 88 16.64 -15.68 22.05
N GLN D 89 15.51 -15.90 22.74
CA GLN D 89 15.02 -17.24 23.00
C GLN D 89 13.61 -17.16 23.60
N ASP D 90 13.01 -18.34 23.78
CA ASP D 90 11.66 -18.43 24.30
C ASP D 90 11.68 -18.54 25.83
N LEU D 91 10.53 -18.24 26.43
CA LEU D 91 10.40 -18.12 27.88
C LEU D 91 10.73 -19.45 28.52
N LYS D 92 10.34 -20.54 27.85
CA LYS D 92 10.63 -21.88 28.33
C LYS D 92 12.13 -22.05 28.52
N LYS D 93 12.94 -21.66 27.53
CA LYS D 93 14.38 -21.86 27.63
C LYS D 93 14.97 -21.00 28.74
N PHE D 94 14.38 -19.81 28.93
CA PHE D 94 14.81 -18.86 29.95
C PHE D 94 14.44 -19.40 31.33
N MET D 95 13.17 -19.84 31.46
CA MET D 95 12.72 -20.52 32.66
C MET D 95 13.68 -21.63 33.06
N ASP D 96 13.96 -22.59 32.17
CA ASP D 96 14.80 -23.73 32.50
C ASP D 96 16.20 -23.26 32.87
N ALA D 97 16.68 -22.19 32.23
CA ALA D 97 18.02 -21.69 32.50
C ALA D 97 18.04 -21.05 33.88
N SER D 98 16.84 -20.65 34.35
CA SER D 98 16.67 -20.00 35.63
C SER D 98 16.11 -20.96 36.68
N ALA D 99 16.07 -22.27 36.40
CA ALA D 99 15.50 -23.24 37.34
C ALA D 99 16.12 -23.15 38.76
N LEU D 100 17.43 -22.86 38.85
CA LEU D 100 18.10 -22.86 40.14
C LEU D 100 18.24 -21.45 40.70
N THR D 101 18.47 -20.46 39.82
CA THR D 101 18.70 -19.10 40.30
C THR D 101 17.37 -18.41 40.60
N GLY D 102 16.29 -18.87 39.98
CA GLY D 102 15.02 -18.17 40.06
C GLY D 102 14.98 -16.95 39.13
N ILE D 103 13.75 -16.49 38.85
CA ILE D 103 13.48 -15.27 38.11
C ILE D 103 13.13 -14.13 39.07
N PRO D 104 13.92 -13.03 39.12
CA PRO D 104 13.54 -11.86 39.92
C PRO D 104 12.08 -11.49 39.74
N LEU D 105 11.41 -11.24 40.87
CA LEU D 105 10.02 -10.84 40.92
C LEU D 105 9.77 -9.65 39.99
N PRO D 106 10.61 -8.59 40.00
CA PRO D 106 10.42 -7.46 39.09
C PRO D 106 10.33 -7.80 37.61
N LEU D 107 11.11 -8.81 37.18
CA LEU D 107 11.09 -9.27 35.80
C LEU D 107 9.81 -10.07 35.46
N ILE D 108 9.39 -10.93 36.41
CA ILE D 108 8.11 -11.64 36.32
C ILE D 108 6.97 -10.64 36.09
N LYS D 109 7.00 -9.54 36.83
CA LYS D 109 5.91 -8.58 36.78
C LYS D 109 5.93 -7.86 35.45
N SER D 110 7.14 -7.49 35.01
CA SER D 110 7.36 -6.82 33.73
C SER D 110 6.88 -7.73 32.60
N TYR D 111 7.29 -9.00 32.67
CA TYR D 111 6.91 -9.95 31.65
C TYR D 111 5.39 -10.10 31.59
N LEU D 112 4.74 -10.29 32.73
CA LEU D 112 3.30 -10.54 32.72
C LEU D 112 2.56 -9.31 32.20
N PHE D 113 3.06 -8.12 32.58
CA PHE D 113 2.48 -6.86 32.14
C PHE D 113 2.50 -6.76 30.62
N GLN D 114 3.69 -6.96 30.03
CA GLN D 114 3.83 -6.94 28.57
C GLN D 114 2.94 -8.00 27.91
N LEU D 115 2.88 -9.20 28.49
CA LEU D 115 2.11 -10.29 27.91
C LEU D 115 0.65 -9.89 27.82
N LEU D 116 0.19 -9.15 28.83
CA LEU D 116 -1.19 -8.74 28.90
C LEU D 116 -1.44 -7.60 27.93
N GLN D 117 -0.40 -6.79 27.67
CA GLN D 117 -0.55 -5.67 26.75
C GLN D 117 -0.68 -6.20 25.32
N GLY D 118 0.22 -7.15 25.00
CA GLY D 118 0.17 -7.84 23.72
C GLY D 118 -1.20 -8.48 23.55
N LEU D 119 -1.66 -9.17 24.60
CA LEU D 119 -2.85 -9.99 24.47
C LEU D 119 -4.11 -9.11 24.39
N ALA D 120 -4.11 -8.00 25.14
CA ALA D 120 -5.17 -7.00 25.11
C ALA D 120 -5.35 -6.47 23.69
N PHE D 121 -4.22 -6.22 23.02
CA PHE D 121 -4.19 -5.85 21.62
C PHE D 121 -4.81 -6.94 20.75
N CYS D 122 -4.44 -8.19 20.95
CA CYS D 122 -4.96 -9.25 20.06
C CYS D 122 -6.49 -9.30 20.21
N HIS D 123 -6.99 -9.24 21.43
CA HIS D 123 -8.45 -9.37 21.69
C HIS D 123 -9.20 -8.13 21.20
N SER D 124 -8.56 -6.97 21.31
CA SER D 124 -9.19 -5.72 20.83
C SER D 124 -9.21 -5.71 19.30
N HIS D 125 -8.74 -6.78 18.68
CA HIS D 125 -8.64 -6.83 17.21
C HIS D 125 -9.27 -8.13 16.71
N ARG D 126 -10.31 -8.60 17.39
CA ARG D 126 -11.08 -9.82 16.98
C ARG D 126 -10.14 -11.00 16.70
N VAL D 127 -9.10 -11.18 17.49
CA VAL D 127 -8.14 -12.33 17.36
C VAL D 127 -7.91 -13.12 18.66
N LEU D 128 -8.03 -14.44 18.62
CA LEU D 128 -7.74 -15.33 19.76
C LEU D 128 -6.39 -16.02 19.47
N HIS D 129 -5.49 -16.09 20.45
CA HIS D 129 -4.19 -16.66 20.19
C HIS D 129 -4.32 -18.17 20.20
N ARG D 130 -4.80 -18.68 21.36
CA ARG D 130 -5.17 -20.09 21.57
C ARG D 130 -3.97 -21.04 21.61
N ASP D 131 -2.76 -20.52 21.75
CA ASP D 131 -1.62 -21.40 21.97
C ASP D 131 -0.58 -20.69 22.85
N LEU D 132 -1.05 -20.00 23.89
CA LEU D 132 -0.13 -19.33 24.80
C LEU D 132 0.50 -20.42 25.67
N LYS D 133 1.82 -20.52 25.56
CA LYS D 133 2.61 -21.40 26.39
C LYS D 133 4.05 -20.89 26.36
N PRO D 134 4.88 -21.20 27.37
CA PRO D 134 6.18 -20.53 27.44
C PRO D 134 6.97 -20.66 26.14
N GLN D 135 6.80 -21.79 25.42
CA GLN D 135 7.56 -22.07 24.20
C GLN D 135 7.19 -21.11 23.05
N ASN D 136 6.02 -20.47 23.13
CA ASN D 136 5.50 -19.58 22.11
C ASN D 136 5.63 -18.12 22.54
N LEU D 137 6.43 -17.81 23.57
CA LEU D 137 6.68 -16.43 24.00
C LEU D 137 8.16 -16.13 23.92
N LEU D 138 8.54 -15.08 23.19
CA LEU D 138 9.93 -14.79 22.88
C LEU D 138 10.41 -13.59 23.69
N ILE D 139 11.64 -13.68 24.21
CA ILE D 139 12.25 -12.58 24.95
C ILE D 139 13.51 -12.12 24.21
N ASN D 140 13.84 -10.82 24.32
CA ASN D 140 15.15 -10.36 23.87
C ASN D 140 16.03 -10.10 25.08
N THR D 141 17.17 -9.44 24.85
CA THR D 141 18.16 -9.20 25.90
C THR D 141 17.91 -7.88 26.63
N GLU D 142 17.09 -6.99 26.05
CA GLU D 142 16.86 -5.65 26.60
C GLU D 142 15.63 -5.62 27.51
N GLY D 143 14.98 -6.76 27.78
CA GLY D 143 13.97 -6.84 28.81
C GLY D 143 12.54 -6.92 28.26
N ALA D 144 12.39 -7.19 26.96
CA ALA D 144 11.07 -7.29 26.34
C ALA D 144 10.63 -8.74 26.22
N ILE D 145 9.30 -8.96 26.18
CA ILE D 145 8.72 -10.25 25.85
C ILE D 145 7.61 -10.05 24.81
N LYS D 146 7.40 -11.04 23.93
CA LYS D 146 6.43 -10.90 22.85
C LYS D 146 5.66 -12.19 22.61
N LEU D 147 4.34 -12.06 22.36
CA LEU D 147 3.54 -13.17 21.85
C LEU D 147 4.11 -13.61 20.50
N ALA D 148 4.24 -14.90 20.31
CA ALA D 148 4.68 -15.40 19.01
C ALA D 148 3.87 -16.62 18.61
N ASP D 149 4.26 -17.18 17.47
CA ASP D 149 3.63 -18.36 16.92
C ASP D 149 2.11 -18.22 16.85
N PHE D 150 1.63 -17.50 15.83
CA PHE D 150 0.17 -17.23 15.72
C PHE D 150 -0.47 -18.19 14.73
N GLY D 151 -0.04 -19.45 14.75
CA GLY D 151 -0.56 -20.44 13.79
C GLY D 151 -1.92 -20.98 14.17
N LEU D 152 -2.16 -21.15 15.47
CA LEU D 152 -3.45 -21.70 15.95
C LEU D 152 -4.39 -20.53 16.25
N ALA D 153 -4.07 -19.35 15.70
CA ALA D 153 -4.86 -18.15 15.99
C ALA D 153 -6.13 -18.12 15.15
N ARG D 154 -7.12 -17.39 15.63
CA ARG D 154 -8.38 -17.28 14.87
C ARG D 154 -9.01 -15.90 15.03
N ALA D 155 -9.34 -15.25 13.93
CA ALA D 155 -10.13 -14.03 14.03
C ALA D 155 -11.57 -14.41 14.37
N PHE D 156 -12.11 -13.83 15.45
CA PHE D 156 -13.44 -14.25 15.89
C PHE D 156 -14.45 -13.16 15.54
N GLY D 157 -15.75 -13.54 15.61
CA GLY D 157 -16.84 -12.59 15.50
C GLY D 157 -17.47 -12.33 16.88
N VAL D 158 -18.48 -11.45 16.92
CA VAL D 158 -19.16 -11.08 18.15
C VAL D 158 -20.67 -11.24 17.93
N PRO D 159 -21.37 -12.15 18.64
CA PRO D 159 -20.72 -13.07 19.61
C PRO D 159 -19.91 -14.13 18.87
N VAL D 160 -19.11 -14.87 19.66
CA VAL D 160 -18.30 -15.96 19.16
C VAL D 160 -19.26 -17.08 18.72
N ARG D 161 -18.73 -17.94 17.86
CA ARG D 161 -19.46 -19.14 17.41
C ARG D 161 -18.59 -20.34 17.79
N THR D 162 -19.03 -21.54 17.47
CA THR D 162 -18.21 -22.73 17.70
C THR D 162 -16.96 -22.64 16.82
N TYR D 163 -15.79 -22.73 17.47
CA TYR D 163 -14.49 -22.75 16.80
C TYR D 163 -13.87 -24.12 17.01
N TPO D 164 -12.64 -24.31 16.54
CA TPO D 164 -11.99 -25.62 16.60
CB TPO D 164 -10.64 -25.56 15.87
CG2 TPO D 164 -9.92 -26.88 15.86
OG1 TPO D 164 -10.91 -25.10 14.50
P TPO D 164 -10.27 -23.67 14.09
O1P TPO D 164 -11.02 -22.64 14.91
O2P TPO D 164 -10.43 -23.56 12.60
O3P TPO D 164 -8.79 -23.71 14.51
C TPO D 164 -11.79 -26.01 18.06
O TPO D 164 -11.38 -25.17 18.85
N HIS D 165 -12.13 -27.25 18.42
CA HIS D 165 -12.06 -27.65 19.81
C HIS D 165 -10.62 -28.05 20.22
N GLU D 166 -9.87 -28.65 19.29
CA GLU D 166 -8.52 -29.10 19.63
C GLU D 166 -7.56 -27.92 19.57
N VAL D 167 -7.44 -27.14 20.65
CA VAL D 167 -6.74 -25.86 20.52
C VAL D 167 -5.49 -25.77 21.39
N VAL D 168 -5.63 -25.45 22.67
CA VAL D 168 -4.44 -25.11 23.43
C VAL D 168 -3.67 -26.41 23.72
N THR D 169 -2.36 -26.31 24.01
CA THR D 169 -1.60 -27.43 24.55
C THR D 169 -2.16 -27.78 25.92
N LEU D 170 -2.33 -29.09 26.19
CA LEU D 170 -3.10 -29.60 27.31
C LEU D 170 -2.90 -28.79 28.60
N TRP D 171 -1.64 -28.55 28.97
CA TRP D 171 -1.27 -27.96 30.23
C TRP D 171 -1.91 -26.57 30.41
N TYR D 172 -2.12 -25.85 29.31
CA TYR D 172 -2.53 -24.45 29.34
C TYR D 172 -3.99 -24.32 28.89
N ARG D 173 -4.65 -25.48 28.74
CA ARG D 173 -6.04 -25.54 28.31
C ARG D 173 -6.97 -25.18 29.48
N ALA D 174 -7.90 -24.26 29.19
CA ALA D 174 -8.90 -23.74 30.12
C ALA D 174 -9.96 -24.81 30.40
N PRO D 175 -10.61 -24.80 31.58
CA PRO D 175 -11.59 -25.84 31.89
C PRO D 175 -12.75 -25.87 30.89
N GLU D 176 -13.14 -24.71 30.37
CA GLU D 176 -14.26 -24.68 29.44
C GLU D 176 -13.97 -25.57 28.23
N ILE D 177 -12.71 -25.62 27.77
CA ILE D 177 -12.40 -26.43 26.59
C ILE D 177 -12.34 -27.91 26.95
N LEU D 178 -11.82 -28.20 28.14
CA LEU D 178 -11.70 -29.57 28.61
C LEU D 178 -13.07 -30.22 28.66
N LEU D 179 -13.96 -29.64 29.47
CA LEU D 179 -15.37 -30.00 29.61
C LEU D 179 -16.15 -29.95 28.29
N GLY D 180 -15.56 -29.39 27.23
CA GLY D 180 -16.06 -29.55 25.87
C GLY D 180 -17.25 -28.64 25.55
N CYS D 181 -17.30 -27.46 26.20
CA CYS D 181 -18.31 -26.43 26.00
C CYS D 181 -18.43 -26.05 24.52
N LYS D 182 -19.60 -25.58 24.11
CA LYS D 182 -19.82 -25.27 22.66
C LYS D 182 -19.10 -23.95 22.29
N TYR D 183 -19.01 -23.02 23.24
CA TYR D 183 -18.43 -21.71 22.89
C TYR D 183 -17.28 -21.37 23.82
N TYR D 184 -16.25 -20.72 23.27
CA TYR D 184 -15.11 -20.27 24.09
C TYR D 184 -14.70 -18.91 23.56
N SER D 185 -13.96 -18.14 24.35
CA SER D 185 -13.63 -16.76 23.94
C SER D 185 -12.27 -16.31 24.45
N THR D 186 -12.12 -15.02 24.70
CA THR D 186 -10.84 -14.44 25.12
C THR D 186 -10.41 -15.00 26.45
N ALA D 187 -11.34 -15.56 27.23
CA ALA D 187 -11.03 -16.05 28.56
C ALA D 187 -10.00 -17.18 28.56
N VAL D 188 -10.00 -18.00 27.50
CA VAL D 188 -9.13 -19.15 27.36
C VAL D 188 -7.67 -18.69 27.31
N ASP D 189 -7.44 -17.54 26.68
CA ASP D 189 -6.10 -17.01 26.55
C ASP D 189 -5.66 -16.44 27.90
N ILE D 190 -6.63 -15.99 28.70
CA ILE D 190 -6.30 -15.42 29.99
C ILE D 190 -5.92 -16.57 30.91
N TRP D 191 -6.65 -17.67 30.80
CA TRP D 191 -6.36 -18.87 31.57
C TRP D 191 -4.91 -19.32 31.34
N SER D 192 -4.53 -19.41 30.07
CA SER D 192 -3.17 -19.75 29.68
C SER D 192 -2.14 -18.78 30.31
N LEU D 193 -2.34 -17.47 30.19
CA LEU D 193 -1.42 -16.54 30.82
C LEU D 193 -1.34 -16.80 32.33
N GLY D 194 -2.49 -17.16 32.93
CA GLY D 194 -2.52 -17.40 34.35
C GLY D 194 -1.64 -18.58 34.72
N CYS D 195 -1.73 -19.63 33.90
CA CYS D 195 -0.85 -20.79 34.02
C CYS D 195 0.59 -20.35 33.93
N ILE D 196 0.86 -19.40 33.03
CA ILE D 196 2.22 -18.97 32.74
C ILE D 196 2.75 -18.08 33.87
N PHE D 197 1.93 -17.17 34.41
CA PHE D 197 2.31 -16.42 35.60
C PHE D 197 2.83 -17.37 36.67
N ALA D 198 1.98 -18.33 37.08
CA ALA D 198 2.36 -19.29 38.12
C ALA D 198 3.72 -19.90 37.81
N GLU D 199 3.93 -20.24 36.54
CA GLU D 199 5.09 -21.01 36.10
C GLU D 199 6.35 -20.16 36.20
N MET D 200 6.24 -18.85 35.87
CA MET D 200 7.36 -17.93 35.99
C MET D 200 7.81 -17.83 37.45
N VAL D 201 6.84 -17.89 38.37
CA VAL D 201 7.10 -17.76 39.80
C VAL D 201 7.81 -19.02 40.32
N THR D 202 7.33 -20.21 39.96
CA THR D 202 7.82 -21.48 40.49
C THR D 202 8.75 -22.21 39.52
N ARG D 203 8.73 -21.81 38.23
CA ARG D 203 9.54 -22.41 37.18
C ARG D 203 9.16 -23.87 36.91
N ARG D 204 8.09 -24.36 37.56
CA ARG D 204 7.43 -25.60 37.17
C ARG D 204 6.05 -25.25 36.61
N ALA D 205 5.59 -26.06 35.65
CA ALA D 205 4.22 -26.01 35.15
C ALA D 205 3.24 -26.19 36.30
N LEU D 206 2.12 -25.44 36.24
CA LEU D 206 1.07 -25.44 37.26
C LEU D 206 0.22 -26.69 37.14
N PHE D 207 -0.24 -27.01 35.94
CA PHE D 207 -1.14 -28.15 35.78
C PHE D 207 -0.56 -29.10 34.74
N PRO D 208 0.51 -29.87 35.06
CA PRO D 208 1.09 -30.81 34.10
C PRO D 208 0.34 -32.14 34.06
N GLY D 209 -0.74 -32.22 33.29
CA GLY D 209 -1.53 -33.42 33.20
C GLY D 209 -1.04 -34.37 32.11
N ASP D 210 -1.21 -35.67 32.36
CA ASP D 210 -0.90 -36.74 31.41
C ASP D 210 -2.04 -36.94 30.44
N SER D 211 -3.25 -36.49 30.81
CA SER D 211 -4.45 -36.68 30.02
C SER D 211 -5.49 -35.60 30.34
N GLU D 212 -6.69 -35.68 29.73
CA GLU D 212 -7.69 -34.63 29.89
C GLU D 212 -8.36 -34.77 31.25
N ILE D 213 -8.69 -36.02 31.57
CA ILE D 213 -9.28 -36.38 32.84
C ILE D 213 -8.30 -36.02 33.97
N ASP D 214 -6.99 -36.08 33.68
CA ASP D 214 -5.97 -35.86 34.70
C ASP D 214 -5.75 -34.37 34.89
N GLN D 215 -5.66 -33.66 33.77
CA GLN D 215 -5.69 -32.21 33.70
C GLN D 215 -6.86 -31.68 34.54
N LEU D 216 -8.05 -32.26 34.39
CA LEU D 216 -9.22 -31.78 35.09
C LEU D 216 -9.04 -31.93 36.60
N PHE D 217 -8.61 -33.13 37.02
CA PHE D 217 -8.37 -33.42 38.42
C PHE D 217 -7.30 -32.51 38.99
N ARG D 218 -6.26 -32.18 38.20
CA ARG D 218 -5.14 -31.35 38.64
C ARG D 218 -5.60 -29.95 39.03
N ILE D 219 -6.56 -29.42 38.26
CA ILE D 219 -7.11 -28.09 38.47
C ILE D 219 -8.02 -28.09 39.71
N PHE D 220 -8.94 -29.04 39.76
CA PHE D 220 -9.86 -29.15 40.93
C PHE D 220 -9.02 -29.20 42.20
N ARG D 221 -8.11 -30.17 42.28
CA ARG D 221 -7.27 -30.32 43.49
C ARG D 221 -6.72 -28.95 43.92
N THR D 222 -6.28 -28.13 42.96
CA THR D 222 -5.63 -26.85 43.30
C THR D 222 -6.66 -25.76 43.56
N LEU D 223 -7.62 -25.59 42.64
CA LEU D 223 -8.54 -24.44 42.77
C LEU D 223 -9.86 -24.84 43.43
N GLY D 224 -9.99 -26.10 43.83
CA GLY D 224 -11.22 -26.56 44.50
C GLY D 224 -12.21 -27.05 43.48
N THR D 225 -12.62 -28.32 43.58
CA THR D 225 -13.63 -28.87 42.65
C THR D 225 -14.71 -27.84 42.50
N PRO D 226 -14.96 -27.31 41.29
CA PRO D 226 -15.92 -26.23 41.14
C PRO D 226 -17.35 -26.67 41.39
N ASP D 227 -18.20 -25.72 41.79
CA ASP D 227 -19.63 -26.03 41.99
C ASP D 227 -20.43 -24.88 41.38
N GLU D 228 -21.76 -25.01 41.38
CA GLU D 228 -22.60 -23.97 40.72
C GLU D 228 -22.40 -22.64 41.44
N VAL D 229 -21.96 -22.66 42.70
CA VAL D 229 -21.84 -21.39 43.46
C VAL D 229 -20.63 -20.62 42.92
N VAL D 230 -19.59 -21.36 42.53
CA VAL D 230 -18.38 -20.70 41.95
C VAL D 230 -18.57 -20.60 40.44
N TRP D 231 -18.88 -21.73 39.81
CA TRP D 231 -19.05 -21.76 38.34
C TRP D 231 -20.47 -22.19 38.01
N PRO D 232 -21.43 -21.25 37.89
CA PRO D 232 -22.77 -21.64 37.49
C PRO D 232 -22.70 -22.39 36.18
N GLY D 233 -23.54 -23.42 36.05
CA GLY D 233 -23.59 -24.19 34.79
C GLY D 233 -22.53 -25.27 34.76
N VAL D 234 -21.62 -25.28 35.74
CA VAL D 234 -20.51 -26.26 35.70
C VAL D 234 -21.08 -27.68 35.71
N THR D 235 -22.20 -27.90 36.38
CA THR D 235 -22.71 -29.26 36.54
C THR D 235 -23.51 -29.69 35.30
N SER D 236 -24.00 -28.73 34.51
CA SER D 236 -24.72 -29.02 33.26
C SER D 236 -23.80 -28.84 32.05
N MET D 237 -22.50 -28.86 32.31
CA MET D 237 -21.46 -28.86 31.28
C MET D 237 -21.42 -30.26 30.63
N PRO D 238 -21.11 -30.35 29.30
CA PRO D 238 -21.09 -31.64 28.58
C PRO D 238 -20.34 -32.79 29.23
N ASP D 239 -19.09 -32.54 29.63
CA ASP D 239 -18.17 -33.58 30.11
C ASP D 239 -17.96 -33.50 31.62
N TYR D 240 -18.77 -32.67 32.31
CA TYR D 240 -18.75 -32.64 33.77
C TYR D 240 -19.41 -33.95 34.26
N LYS D 241 -18.90 -34.47 35.38
CA LYS D 241 -19.47 -35.65 36.04
C LYS D 241 -19.81 -35.31 37.48
N PRO D 242 -21.04 -35.66 37.96
CA PRO D 242 -21.36 -35.52 39.39
C PRO D 242 -20.35 -36.17 40.34
N SER D 243 -19.52 -37.09 39.80
CA SER D 243 -18.68 -38.01 40.56
C SER D 243 -17.35 -37.38 40.99
N PHE D 244 -16.89 -36.34 40.26
CA PHE D 244 -15.65 -35.64 40.57
C PHE D 244 -15.49 -35.45 42.07
N PRO D 245 -14.38 -35.93 42.71
CA PRO D 245 -14.15 -35.73 44.15
C PRO D 245 -14.22 -34.24 44.44
N LYS D 246 -14.54 -33.89 45.68
CA LYS D 246 -14.72 -32.46 46.02
C LYS D 246 -13.50 -31.97 46.81
N TRP D 247 -12.42 -31.65 46.10
CA TRP D 247 -11.20 -31.13 46.78
C TRP D 247 -11.43 -29.69 47.21
N ALA D 248 -10.59 -29.18 48.12
CA ALA D 248 -10.71 -27.77 48.57
C ALA D 248 -9.67 -26.93 47.83
N ARG D 249 -9.94 -25.62 47.69
CA ARG D 249 -8.98 -24.70 47.03
C ARG D 249 -7.72 -24.61 47.91
N GLN D 250 -6.54 -24.79 47.31
CA GLN D 250 -5.27 -24.70 48.07
C GLN D 250 -4.88 -23.22 48.22
N ASP D 251 -4.37 -22.84 49.40
CA ASP D 251 -3.92 -21.44 49.63
C ASP D 251 -2.81 -21.11 48.64
N PHE D 252 -2.95 -20.00 47.91
CA PHE D 252 -1.93 -19.60 46.95
C PHE D 252 -0.62 -19.32 47.69
N SER D 253 -0.67 -19.39 49.03
CA SER D 253 0.52 -19.25 49.87
C SER D 253 1.24 -20.60 49.99
N LYS D 254 0.63 -21.66 49.46
CA LYS D 254 1.30 -22.94 49.31
C LYS D 254 1.39 -23.27 47.83
N VAL D 255 0.55 -22.60 47.04
CA VAL D 255 0.49 -22.80 45.59
C VAL D 255 1.68 -22.07 44.96
N VAL D 256 1.76 -20.78 45.24
CA VAL D 256 2.84 -19.95 44.74
C VAL D 256 3.45 -19.25 45.96
N PRO D 257 4.10 -20.02 46.86
CA PRO D 257 4.63 -19.43 48.11
C PRO D 257 5.29 -18.08 47.85
N PRO D 258 6.17 -17.93 46.83
CA PRO D 258 6.92 -16.68 46.63
C PRO D 258 6.08 -15.45 46.27
N LEU D 259 4.77 -15.64 46.05
CA LEU D 259 3.92 -14.59 45.48
C LEU D 259 3.24 -13.77 46.57
N ASP D 260 3.24 -12.44 46.41
CA ASP D 260 2.70 -11.50 47.39
C ASP D 260 1.17 -11.50 47.38
N GLU D 261 0.57 -10.59 48.17
CA GLU D 261 -0.87 -10.51 48.34
C GLU D 261 -1.56 -10.02 47.05
N ASP D 262 -0.87 -9.17 46.30
CA ASP D 262 -1.38 -8.64 45.03
C ASP D 262 -1.28 -9.70 43.93
N GLY D 263 -0.13 -10.38 43.87
CA GLY D 263 0.05 -11.44 42.90
C GLY D 263 -1.03 -12.51 43.04
N ARG D 264 -1.25 -12.98 44.28
CA ARG D 264 -2.14 -14.11 44.54
C ARG D 264 -3.54 -13.73 44.08
N SER D 265 -3.89 -12.46 44.31
CA SER D 265 -5.18 -11.90 43.94
C SER D 265 -5.37 -11.92 42.42
N LEU D 266 -4.39 -11.38 41.68
CA LEU D 266 -4.49 -11.31 40.22
C LEU D 266 -4.53 -12.70 39.61
N LEU D 267 -3.71 -13.62 40.16
CA LEU D 267 -3.64 -15.00 39.69
C LEU D 267 -5.01 -15.66 39.78
N SER D 268 -5.59 -15.62 40.99
CA SER D 268 -6.89 -16.23 41.22
C SER D 268 -7.88 -15.70 40.19
N GLN D 269 -7.84 -14.38 39.96
CA GLN D 269 -8.69 -13.70 39.00
C GLN D 269 -8.45 -14.28 37.61
N MET D 270 -7.18 -14.47 37.24
CA MET D 270 -6.84 -15.02 35.93
C MET D 270 -7.25 -16.48 35.81
N LEU D 271 -7.26 -17.18 36.95
CA LEU D 271 -7.57 -18.61 36.91
C LEU D 271 -9.00 -18.89 37.36
N HIS D 272 -9.88 -17.89 37.36
CA HIS D 272 -11.24 -18.12 37.78
C HIS D 272 -11.87 -19.16 36.84
N TYR D 273 -12.73 -20.00 37.40
CA TYR D 273 -13.33 -21.11 36.66
C TYR D 273 -14.28 -20.61 35.58
N ASP D 274 -15.28 -19.82 36.01
CA ASP D 274 -16.28 -19.21 35.15
C ASP D 274 -15.58 -18.29 34.15
N PRO D 275 -15.71 -18.51 32.82
CA PRO D 275 -15.14 -17.59 31.84
C PRO D 275 -15.65 -16.15 31.95
N ASN D 276 -16.93 -16.01 32.33
CA ASN D 276 -17.60 -14.73 32.43
C ASN D 276 -17.02 -13.91 33.58
N LYS D 277 -16.65 -14.58 34.68
CA LYS D 277 -16.13 -13.88 35.85
C LYS D 277 -14.61 -13.80 35.82
N ARG D 278 -13.98 -14.45 34.82
CA ARG D 278 -12.53 -14.43 34.66
C ARG D 278 -12.11 -13.04 34.19
N ILE D 279 -10.98 -12.55 34.69
CA ILE D 279 -10.55 -11.21 34.38
C ILE D 279 -10.25 -11.09 32.87
N SER D 280 -10.35 -9.86 32.36
CA SER D 280 -9.94 -9.57 31.00
C SER D 280 -8.52 -9.02 31.04
N ALA D 281 -7.80 -9.20 29.93
CA ALA D 281 -6.45 -8.66 29.79
C ALA D 281 -6.46 -7.17 30.13
N LYS D 282 -7.53 -6.47 29.71
CA LYS D 282 -7.68 -5.03 29.92
C LYS D 282 -7.84 -4.73 31.41
N ALA D 283 -8.84 -5.36 32.05
CA ALA D 283 -8.97 -5.32 33.50
C ALA D 283 -7.62 -5.54 34.18
N ALA D 284 -6.98 -6.70 33.90
CA ALA D 284 -5.77 -7.13 34.60
C ALA D 284 -4.66 -6.09 34.49
N LEU D 285 -4.61 -5.34 33.38
CA LEU D 285 -3.61 -4.31 33.18
C LEU D 285 -3.69 -3.23 34.25
N ALA D 286 -4.90 -3.04 34.83
CA ALA D 286 -5.13 -2.06 35.89
C ALA D 286 -4.81 -2.61 37.27
N HIS D 287 -4.76 -3.95 37.44
CA HIS D 287 -4.63 -4.58 38.75
C HIS D 287 -3.50 -3.98 39.61
N PRO D 288 -3.70 -3.82 40.93
CA PRO D 288 -2.67 -3.26 41.82
C PRO D 288 -1.28 -3.87 41.72
N PHE D 289 -1.21 -5.10 41.20
CA PHE D 289 0.05 -5.80 41.15
C PHE D 289 1.08 -5.00 40.35
N PHE D 290 0.61 -4.40 39.24
CA PHE D 290 1.47 -3.74 38.27
C PHE D 290 1.71 -2.27 38.61
N GLN D 291 1.16 -1.79 39.73
CA GLN D 291 1.29 -0.40 40.12
C GLN D 291 2.73 0.12 40.07
N ASP D 292 3.70 -0.75 40.35
CA ASP D 292 5.09 -0.33 40.48
C ASP D 292 5.97 -0.90 39.36
N VAL D 293 5.34 -1.30 38.25
CA VAL D 293 6.02 -2.16 37.28
C VAL D 293 7.19 -1.38 36.68
N THR D 294 8.29 -2.11 36.46
CA THR D 294 9.47 -1.52 35.83
C THR D 294 9.76 -2.34 34.60
N LYS D 295 10.89 -2.10 33.93
CA LYS D 295 11.28 -2.94 32.77
C LYS D 295 12.72 -3.42 33.01
N PRO D 296 12.93 -4.41 33.90
CA PRO D 296 14.27 -4.93 34.11
C PRO D 296 14.80 -5.75 32.95
N VAL D 297 16.12 -5.95 32.93
CA VAL D 297 16.76 -6.78 31.88
C VAL D 297 16.99 -8.18 32.47
N PRO D 298 16.89 -9.27 31.69
CA PRO D 298 17.03 -10.62 32.25
C PRO D 298 18.51 -10.91 32.33
N HIS D 299 18.92 -11.74 33.29
CA HIS D 299 20.32 -12.15 33.32
C HIS D 299 20.50 -13.26 32.30
N LEU D 300 21.38 -13.02 31.31
CA LEU D 300 21.65 -13.97 30.24
C LEU D 300 23.16 -14.23 30.16
C4 HHQ E . -22.64 -21.57 -12.40
C5 HHQ E . -23.36 -22.71 -12.47
N1 HHQ E . -22.74 -23.91 -12.64
C3 HHQ E . -21.25 -21.64 -12.51
O1 HHQ E . -20.90 -25.20 -12.89
C1 HHQ E . -21.38 -24.06 -12.74
C2 HHQ E . -20.61 -22.86 -12.67
I1 HHQ E . -20.04 -19.93 -12.39
C4 HHQ F . 24.75 26.29 -41.97
C5 HHQ F . 25.10 24.96 -41.97
N1 HHQ F . 25.40 24.32 -40.82
C3 HHQ F . 24.68 26.99 -40.77
O1 HHQ F . 25.62 24.26 -38.57
C1 HHQ F . 25.34 24.94 -39.60
C2 HHQ F . 24.96 26.32 -39.58
I1 HHQ F . 24.10 29.03 -40.72
C4 HHQ G . 4.29 -3.35 -29.55
C5 HHQ G . 3.00 -3.73 -29.65
N1 HHQ G . 2.20 -3.72 -28.56
C3 HHQ G . 4.78 -2.94 -28.32
O1 HHQ G . 1.81 -3.34 -26.36
C1 HHQ G . 2.61 -3.34 -27.32
C2 HHQ G . 3.97 -2.93 -27.23
I1 HHQ G . 6.78 -2.33 -28.06
C4 HHQ H . 4.95 -2.48 -24.32
C5 HHQ H . 6.12 -1.92 -23.99
N1 HHQ H . 6.18 -0.65 -23.54
C3 HHQ H . 3.78 -1.74 -24.21
O1 HHQ H . 5.25 1.30 -22.99
C1 HHQ H . 5.08 0.15 -23.41
C2 HHQ H . 3.83 -0.44 -23.76
I1 HHQ H . 1.92 -2.59 -24.75
C4 HHQ I . 7.42 -15.28 -20.78
C5 HHQ I . 7.05 -16.20 -19.85
N1 HHQ I . 7.99 -16.74 -19.04
C3 HHQ I . 8.75 -14.86 -20.87
O1 HHQ I . 10.08 -16.95 -18.26
C1 HHQ I . 9.31 -16.39 -19.06
C2 HHQ I . 9.70 -15.42 -20.03
I1 HHQ I . 9.30 -13.40 -22.28
C4 HHQ J . 5.94 -1.02 -9.85
C5 HHQ J . 6.92 -1.36 -8.96
N1 HHQ J . 6.83 -2.49 -8.23
C3 HHQ J . 4.82 -1.84 -10.03
O1 HHQ J . 5.80 -4.41 -7.62
C1 HHQ J . 5.78 -3.36 -8.33
C2 HHQ J . 4.74 -3.02 -9.27
I1 HHQ J . 3.30 -1.31 -11.43
C4 HHQ K . 31.45 8.46 9.04
C5 HHQ K . 31.95 7.83 10.13
N1 HHQ K . 31.97 6.47 10.17
C3 HHQ K . 30.95 7.71 7.97
O1 HHQ K . 31.55 4.42 9.31
C1 HHQ K . 31.50 5.66 9.18
C2 HHQ K . 30.96 6.32 8.02
I1 HHQ K . 30.11 8.65 6.27
C4 HHQ L . 27.88 7.27 11.31
C5 HHQ L . 28.36 6.94 12.54
N1 HHQ L . 28.90 5.72 12.80
C3 HHQ L . 27.96 6.32 10.29
O1 HHQ L . 29.54 3.63 12.15
C1 HHQ L . 29.02 4.74 11.84
C2 HHQ L . 28.53 5.07 10.54
I1 HHQ L . 27.28 6.71 8.34
C4 HHQ M . 13.11 -17.96 17.78
C4 HHQ M . 11.88 -17.53 16.91
C5 HHQ M . 13.40 -16.65 17.92
C5 HHQ M . 12.61 -16.46 17.31
N1 HHQ M . 12.71 -15.69 17.26
N1 HHQ M . 13.63 -16.64 18.18
C3 HHQ M . 12.07 -18.36 16.94
C3 HHQ M . 12.19 -18.80 17.40
O1 HHQ M . 11.07 -14.97 15.89
O1 HHQ M . 14.95 -17.87 19.48
C1 HHQ M . 11.66 -15.96 16.43
C1 HHQ M . 13.99 -17.84 18.70
C2 HHQ M . 11.33 -17.36 16.26
C2 HHQ M . 13.24 -18.98 18.29
I1 HHQ M . 11.65 -20.44 16.70
I1 HHQ M . 11.04 -20.46 16.77
C4 HHQ N . 18.31 -18.94 4.13
C5 HHQ N . 18.98 -18.32 3.14
N1 HHQ N . 18.80 -18.69 1.85
C3 HHQ N . 17.43 -19.98 3.82
O1 HHQ N . 17.83 -19.94 0.24
C1 HHQ N . 17.94 -19.68 1.46
C2 HHQ N . 17.23 -20.35 2.50
I1 HHQ N . 16.39 -20.97 5.35
C4 HHQ O . 2.67 -9.76 4.15
C5 HHQ O . 2.31 -10.15 2.91
N1 HHQ O . 3.18 -10.04 1.87
C3 HHQ O . 3.94 -9.20 4.38
O1 HHQ O . 5.19 -9.47 0.98
C1 HHQ O . 4.45 -9.53 2.00
C2 HHQ O . 4.85 -9.11 3.32
I1 HHQ O . 4.53 -8.57 6.33
#